data_5TIH
#
_entry.id   5TIH
#
_cell.length_a   79.950
_cell.length_b   87.380
_cell.length_c   145.140
_cell.angle_alpha   90.000
_cell.angle_beta   90.000
_cell.angle_gamma   90.000
#
_symmetry.space_group_name_H-M   'P 21 21 21'
#
loop_
_entity.id
_entity.type
_entity.pdbx_description
1 polymer 'Cysteine-rich protective antigen'
2 polymer 'CyRPA antibody Fab Heavy Chain'
3 polymer 'CyRPA antibody Fab Light Chain'
4 non-polymer 'ACETATE ION'
5 water water
#
loop_
_entity_poly.entity_id
_entity_poly.type
_entity_poly.pdbx_seq_one_letter_code
_entity_poly.pdbx_strand_id
1 'polypeptide(L)'
;GTSRHVFIRTELSFIKNNVPCIRDMFFIYKRELYNICLDDLKGEEDETHIYVQKKVKDSWITLNDLFKETDLTGRPHIFA
YVDVEEIIILLCEDEEFSNRKKDMTCHRFYSNDGKEYNNAEITISDYILKDKLLSSYVSLPLKIENREYFLICGVSPYKF
KDDNKKDDILCMASHDKGETWGTKIVIKYDNYKLGVQYFFLRPYISKNDLSFHFYVGDNINNVKNVNFIECTHEKDLEFV
CSNRDFLKDNKVLQDVSTLNDEYIVSYGNDNNFAECYIFFNNENSILIKPEKYGNTAAGCYGGTFVKIDENRALFIYSSS
QGIYNIHTIYYANYE
;
A
2 'polypeptide(L)'
;QVQLQQSGPQLVRPGASVKISCKTSGYSFTSFWMHWVKQWPGQGLEWIGMIDPSENKIRLNQNFKDRATLTVDTSSATAY
IQFSRPTSEDSGVYYCAMVRRGYWGQGTTLTVSAAKTTPPSVYPLAPGSAAQTNSMVTLGCLVKGYFPEPVTVTWNSGSL
SSGVHTFPAVLQSDLYTLSSSVTVPSSTWPSETVTCNVAHPASSTKVDKKIVPRD
;
H
3 'polypeptide(L)'
;DIQMTQSPSSLSASLGERVSLTCRASQEISGYLSWLQRKPDGTIKRLIYTASTVDSGVPNRFSGSRSGSDYSLTISSLES
EDFADYYCLQYDTYPWTFGGGTKLEIKRADAAPTVSIFPPSSEQLTSGGASVVCFLNNFYPKDINVKWKIDGSERQNGVL
NSWTDQDSKDSTYSMSSTLTLTKDEYERHNSYTCEATHKTSTSPIVKSFNRN
;
L
#
# COMPACT_ATOMS: atom_id res chain seq x y z
N ARG A 4 44.84 -29.33 -24.99
CA ARG A 4 46.21 -29.81 -25.06
C ARG A 4 46.76 -30.18 -23.69
N HIS A 5 46.67 -29.26 -22.75
CA HIS A 5 47.21 -29.44 -21.41
C HIS A 5 46.13 -29.07 -20.40
N VAL A 6 45.08 -29.88 -20.33
CA VAL A 6 43.91 -29.60 -19.51
C VAL A 6 43.57 -30.82 -18.67
N PHE A 7 42.84 -30.58 -17.59
CA PHE A 7 42.37 -31.65 -16.71
C PHE A 7 40.99 -31.32 -16.19
N ILE A 8 40.27 -32.35 -15.74
CA ILE A 8 38.89 -32.25 -15.29
C ILE A 8 38.74 -32.95 -13.96
N ARG A 9 38.03 -32.32 -13.03
CA ARG A 9 37.69 -32.90 -11.74
C ARG A 9 36.22 -32.68 -11.47
N THR A 10 35.54 -33.72 -10.98
CA THR A 10 34.12 -33.63 -10.67
C THR A 10 33.83 -34.26 -9.31
N GLU A 11 32.87 -33.68 -8.60
CA GLU A 11 32.32 -34.27 -7.39
C GLU A 11 30.79 -34.16 -7.46
N LEU A 12 30.12 -35.10 -6.80
CA LEU A 12 28.66 -35.11 -6.73
C LEU A 12 28.22 -34.83 -5.30
N SER A 13 27.23 -33.96 -5.15
CA SER A 13 26.66 -33.65 -3.85
C SER A 13 25.15 -33.53 -4.00
N PHE A 14 24.44 -33.59 -2.86
CA PHE A 14 22.99 -33.56 -2.85
C PHE A 14 22.48 -32.45 -1.95
N ILE A 15 21.30 -31.93 -2.28
CA ILE A 15 20.65 -30.89 -1.48
C ILE A 15 19.17 -31.24 -1.33
N LYS A 16 18.67 -31.18 -0.11
CA LYS A 16 17.25 -31.36 0.15
C LYS A 16 16.56 -30.00 0.16
N ASN A 17 15.32 -29.97 -0.30
CA ASN A 17 14.50 -28.77 -0.24
C ASN A 17 13.18 -29.12 0.44
N ASN A 18 12.76 -28.26 1.36
CA ASN A 18 11.51 -28.46 2.08
C ASN A 18 10.30 -27.86 1.36
N VAL A 19 10.52 -26.98 0.38
CA VAL A 19 9.42 -26.36 -0.34
C VAL A 19 9.43 -26.84 -1.79
N PRO A 20 8.26 -27.16 -2.37
CA PRO A 20 8.22 -27.57 -3.79
C PRO A 20 8.27 -26.36 -4.70
N CYS A 21 9.29 -26.30 -5.56
CA CYS A 21 9.50 -25.17 -6.45
C CYS A 21 8.94 -25.48 -7.82
N ILE A 22 8.02 -24.64 -8.30
CA ILE A 22 7.49 -24.78 -9.65
C ILE A 22 8.58 -24.46 -10.67
N ARG A 23 9.47 -23.52 -10.37
CA ARG A 23 10.61 -23.22 -11.21
C ARG A 23 11.78 -22.84 -10.32
N ASP A 24 12.98 -23.15 -10.79
CA ASP A 24 14.21 -22.86 -10.08
C ASP A 24 15.03 -21.83 -10.86
N MET A 25 15.73 -20.96 -10.13
CA MET A 25 16.68 -20.01 -10.71
C MET A 25 17.88 -19.94 -9.78
N PHE A 26 18.96 -20.60 -10.15
CA PHE A 26 20.17 -20.64 -9.33
C PHE A 26 21.08 -19.48 -9.70
N PHE A 27 21.71 -18.90 -8.69
CA PHE A 27 22.75 -17.90 -8.94
C PHE A 27 23.85 -18.06 -7.91
N ILE A 28 25.01 -17.52 -8.25
CA ILE A 28 26.19 -17.54 -7.39
C ILE A 28 26.41 -16.13 -6.87
N TYR A 29 26.46 -15.99 -5.55
CA TYR A 29 26.72 -14.71 -4.92
C TYR A 29 27.84 -14.91 -3.91
N LYS A 30 28.97 -14.24 -4.14
CA LYS A 30 30.16 -14.38 -3.31
C LYS A 30 30.57 -15.85 -3.19
N ARG A 31 30.60 -16.52 -4.34
CA ARG A 31 31.00 -17.91 -4.48
C ARG A 31 30.09 -18.86 -3.69
N GLU A 32 28.86 -18.45 -3.41
CA GLU A 32 27.89 -19.28 -2.72
C GLU A 32 26.67 -19.48 -3.58
N LEU A 33 26.08 -20.67 -3.52
CA LEU A 33 24.98 -21.04 -4.39
C LEU A 33 23.65 -20.63 -3.75
N TYR A 34 22.84 -19.91 -4.51
CA TYR A 34 21.51 -19.49 -4.07
C TYR A 34 20.47 -20.00 -5.05
N ASN A 35 19.21 -19.89 -4.64
CA ASN A 35 18.09 -20.28 -5.48
C ASN A 35 16.94 -19.32 -5.26
N ILE A 36 16.30 -18.93 -6.37
CA ILE A 36 15.05 -18.17 -6.32
C ILE A 36 13.94 -19.15 -6.67
N CYS A 37 13.13 -19.49 -5.69
CA CYS A 37 12.15 -20.56 -5.79
C CYS A 37 10.76 -19.98 -5.87
N LEU A 38 10.08 -20.22 -6.99
CA LEU A 38 8.67 -19.84 -7.16
C LEU A 38 7.81 -21.00 -6.65
N ASP A 39 7.15 -20.81 -5.52
CA ASP A 39 6.24 -21.79 -4.94
C ASP A 39 4.82 -21.27 -5.11
N ASP A 40 4.02 -21.96 -5.94
CA ASP A 40 2.67 -21.53 -6.25
C ASP A 40 1.75 -22.75 -6.41
N LEU A 41 1.53 -23.44 -5.30
CA LEU A 41 0.41 -24.37 -5.23
C LEU A 41 -0.90 -23.60 -5.31
N LYS A 42 -1.92 -24.23 -5.88
CA LYS A 42 -3.19 -23.55 -6.15
C LYS A 42 -4.30 -24.02 -5.22
N GLY A 43 -3.95 -24.49 -4.03
CA GLY A 43 -4.94 -24.85 -3.05
C GLY A 43 -5.68 -23.64 -2.52
N GLU A 44 -6.86 -23.91 -1.96
CA GLU A 44 -7.68 -22.86 -1.38
C GLU A 44 -6.93 -22.10 -0.30
N GLU A 45 -6.03 -22.77 0.40
CA GLU A 45 -5.29 -22.19 1.51
C GLU A 45 -3.93 -21.63 1.11
N ASP A 46 -3.41 -22.02 -0.06
CA ASP A 46 -2.04 -21.70 -0.41
C ASP A 46 -1.90 -20.24 -0.84
N GLU A 47 -0.67 -19.76 -0.79
CA GLU A 47 -0.30 -18.43 -1.27
C GLU A 47 0.92 -18.56 -2.16
N THR A 48 1.06 -17.62 -3.09
CA THR A 48 2.24 -17.59 -3.94
C THR A 48 3.43 -17.10 -3.14
N HIS A 49 4.54 -17.83 -3.21
CA HIS A 49 5.77 -17.45 -2.54
C HIS A 49 6.90 -17.37 -3.55
N ILE A 50 7.78 -16.39 -3.36
CA ILE A 50 9.01 -16.30 -4.13
C ILE A 50 10.13 -16.25 -3.11
N TYR A 51 10.69 -17.42 -2.81
CA TYR A 51 11.71 -17.55 -1.79
C TYR A 51 13.09 -17.35 -2.38
N VAL A 52 13.93 -16.61 -1.67
CA VAL A 52 15.36 -16.61 -1.89
C VAL A 52 15.97 -17.61 -0.93
N GLN A 53 16.66 -18.61 -1.47
CA GLN A 53 17.23 -19.69 -0.68
C GLN A 53 18.75 -19.72 -0.85
N LYS A 54 19.42 -20.35 0.11
CA LYS A 54 20.87 -20.44 0.12
C LYS A 54 21.28 -21.85 0.53
N LYS A 55 22.23 -22.43 -0.20
CA LYS A 55 22.74 -23.76 0.13
C LYS A 55 23.56 -23.70 1.41
N VAL A 56 23.14 -24.45 2.42
CA VAL A 56 23.86 -24.58 3.68
C VAL A 56 23.95 -26.06 4.00
N LYS A 57 25.17 -26.59 4.09
CA LYS A 57 25.39 -28.03 4.25
C LYS A 57 24.73 -28.71 3.05
N ASP A 58 23.73 -29.58 3.26
CA ASP A 58 23.10 -30.31 2.17
C ASP A 58 21.61 -30.00 2.09
N SER A 59 21.23 -28.76 2.40
CA SER A 59 19.83 -28.39 2.35
C SER A 59 19.71 -26.92 1.98
N TRP A 60 18.62 -26.58 1.30
CA TRP A 60 18.30 -25.19 1.01
C TRP A 60 17.72 -24.54 2.26
N ILE A 61 18.25 -23.38 2.61
CA ILE A 61 17.74 -22.59 3.73
C ILE A 61 17.07 -21.35 3.17
N THR A 62 15.79 -21.17 3.48
CA THR A 62 15.04 -20.05 2.95
C THR A 62 15.44 -18.77 3.67
N LEU A 63 15.81 -17.75 2.90
CA LEU A 63 16.27 -16.50 3.48
C LEU A 63 15.20 -15.42 3.49
N ASN A 64 14.33 -15.36 2.48
CA ASN A 64 13.40 -14.26 2.35
C ASN A 64 12.31 -14.60 1.33
N ASP A 65 11.05 -14.29 1.68
CA ASP A 65 9.93 -14.39 0.76
C ASP A 65 9.70 -13.00 0.17
N LEU A 66 10.13 -12.79 -1.06
CA LEU A 66 10.00 -11.48 -1.71
C LEU A 66 8.54 -11.13 -1.96
N PHE A 67 7.71 -12.13 -2.25
CA PHE A 67 6.34 -11.89 -2.71
C PHE A 67 5.48 -11.23 -1.64
N LYS A 68 5.85 -11.31 -0.36
CA LYS A 68 5.05 -10.69 0.69
C LYS A 68 4.98 -9.18 0.55
N GLU A 69 5.91 -8.56 -0.19
CA GLU A 69 5.97 -7.12 -0.32
C GLU A 69 5.13 -6.55 -1.46
N THR A 70 4.54 -7.40 -2.31
CA THR A 70 3.84 -6.94 -3.50
C THR A 70 2.40 -7.43 -3.51
N ASP A 71 1.53 -6.65 -4.15
CA ASP A 71 0.16 -7.05 -4.42
C ASP A 71 0.00 -7.74 -5.76
N LEU A 72 1.10 -8.13 -6.41
CA LEU A 72 1.02 -8.78 -7.72
C LEU A 72 0.20 -10.07 -7.67
N THR A 73 -0.61 -10.27 -8.69
CA THR A 73 -1.30 -11.53 -8.90
C THR A 73 -0.49 -12.40 -9.86
N GLY A 74 -0.97 -13.63 -10.05
CA GLY A 74 -0.37 -14.57 -10.97
C GLY A 74 1.08 -14.87 -10.64
N ARG A 75 1.79 -15.36 -11.66
CA ARG A 75 3.21 -15.66 -11.53
C ARG A 75 4.01 -14.61 -12.28
N PRO A 76 4.69 -13.71 -11.59
CA PRO A 76 5.38 -12.61 -12.28
C PRO A 76 6.69 -13.06 -12.89
N HIS A 77 7.12 -12.31 -13.90
CA HIS A 77 8.45 -12.49 -14.44
C HIS A 77 9.49 -12.10 -13.40
N ILE A 78 10.56 -12.91 -13.30
CA ILE A 78 11.60 -12.68 -12.31
C ILE A 78 12.91 -12.46 -13.05
N PHE A 79 13.47 -11.26 -12.92
CA PHE A 79 14.75 -10.91 -13.52
C PHE A 79 15.72 -10.63 -12.39
N ALA A 80 16.71 -11.51 -12.22
CA ALA A 80 17.67 -11.39 -11.14
C ALA A 80 19.05 -11.08 -11.70
N TYR A 81 19.77 -10.20 -11.01
CA TYR A 81 21.09 -9.76 -11.46
C TYR A 81 22.06 -9.80 -10.30
N VAL A 82 23.27 -10.28 -10.57
CA VAL A 82 24.32 -10.37 -9.57
C VAL A 82 25.45 -9.46 -10.03
N ASP A 83 25.70 -8.39 -9.26
CA ASP A 83 26.91 -7.60 -9.41
C ASP A 83 27.96 -8.16 -8.46
N VAL A 84 29.07 -7.46 -8.29
CA VAL A 84 30.13 -8.00 -7.43
C VAL A 84 29.66 -8.04 -5.98
N GLU A 85 29.02 -6.98 -5.51
CA GLU A 85 28.58 -6.87 -4.13
C GLU A 85 27.06 -6.86 -3.98
N GLU A 86 26.31 -6.65 -5.06
CA GLU A 86 24.90 -6.34 -4.97
C GLU A 86 24.07 -7.38 -5.69
N ILE A 87 22.87 -7.62 -5.16
CA ILE A 87 21.86 -8.47 -5.81
C ILE A 87 20.64 -7.61 -6.09
N ILE A 88 20.19 -7.62 -7.33
CA ILE A 88 18.97 -6.91 -7.73
C ILE A 88 18.02 -7.92 -8.33
N ILE A 89 16.80 -7.97 -7.80
CA ILE A 89 15.77 -8.88 -8.27
C ILE A 89 14.55 -8.05 -8.63
N LEU A 90 14.01 -8.30 -9.82
CA LEU A 90 12.81 -7.63 -10.31
C LEU A 90 11.67 -8.63 -10.41
N LEU A 91 10.51 -8.29 -9.86
CA LEU A 91 9.27 -9.03 -10.07
C LEU A 91 8.37 -8.14 -10.91
N CYS A 92 8.14 -8.54 -12.15
CA CYS A 92 7.38 -7.74 -13.11
C CYS A 92 6.05 -8.42 -13.44
N GLU A 93 5.00 -7.62 -13.54
CA GLU A 93 3.66 -8.16 -13.75
C GLU A 93 3.60 -8.98 -15.03
N ASP A 94 2.92 -10.12 -14.95
CA ASP A 94 2.81 -11.07 -16.05
C ASP A 94 1.71 -10.63 -17.02
N GLU A 95 1.94 -9.46 -17.64
CA GLU A 95 1.04 -8.89 -18.64
C GLU A 95 -0.41 -8.86 -18.17
N ASN A 99 0.75 -5.77 -25.28
CA ASN A 99 -0.70 -5.76 -25.27
C ASN A 99 -1.25 -4.35 -25.43
N ARG A 100 -2.51 -4.17 -25.02
CA ARG A 100 -3.11 -2.84 -25.04
C ARG A 100 -2.37 -1.87 -24.13
N LYS A 101 -1.95 -2.36 -22.95
CA LYS A 101 -1.19 -1.52 -22.04
C LYS A 101 0.24 -1.36 -22.52
N LYS A 102 0.80 -0.17 -22.28
CA LYS A 102 2.14 0.16 -22.74
C LYS A 102 3.14 0.27 -21.61
N ASP A 103 2.71 0.14 -20.36
CA ASP A 103 3.59 0.26 -19.20
C ASP A 103 3.71 -1.09 -18.50
N MET A 104 4.90 -1.39 -18.01
CA MET A 104 5.15 -2.58 -17.20
C MET A 104 5.55 -2.15 -15.80
N THR A 105 4.88 -2.70 -14.79
CA THR A 105 5.15 -2.38 -13.41
C THR A 105 5.95 -3.51 -12.78
N CYS A 106 7.05 -3.16 -12.10
CA CYS A 106 7.92 -4.13 -11.48
C CYS A 106 8.22 -3.72 -10.05
N HIS A 107 8.54 -4.72 -9.23
CA HIS A 107 8.97 -4.50 -7.86
C HIS A 107 10.44 -4.85 -7.77
N ARG A 108 11.26 -3.86 -7.39
CA ARG A 108 12.71 -4.00 -7.41
C ARG A 108 13.21 -4.30 -6.01
N PHE A 109 13.97 -5.39 -5.88
CA PHE A 109 14.57 -5.77 -4.62
C PHE A 109 16.09 -5.59 -4.70
N TYR A 110 16.67 -5.03 -3.65
CA TYR A 110 18.09 -4.73 -3.62
C TYR A 110 18.71 -5.26 -2.34
N SER A 111 19.94 -5.75 -2.43
CA SER A 111 20.60 -6.33 -1.27
C SER A 111 22.11 -6.26 -1.42
N ASN A 112 22.78 -6.06 -0.29
CA ASN A 112 24.24 -6.16 -0.19
C ASN A 112 24.70 -7.51 0.31
N ASP A 113 23.89 -8.19 1.10
CA ASP A 113 24.12 -9.56 1.51
C ASP A 113 23.02 -10.43 0.93
N GLY A 114 23.06 -11.72 1.24
CA GLY A 114 22.04 -12.60 0.71
C GLY A 114 20.72 -12.58 1.44
N LYS A 115 20.66 -11.97 2.62
CA LYS A 115 19.53 -12.14 3.53
C LYS A 115 18.61 -10.91 3.61
N GLU A 116 19.18 -9.72 3.72
CA GLU A 116 18.40 -8.50 3.96
C GLU A 116 18.16 -7.77 2.64
N TYR A 117 16.90 -7.51 2.32
CA TYR A 117 16.50 -6.90 1.06
C TYR A 117 15.72 -5.61 1.32
N ASN A 118 16.10 -4.55 0.62
CA ASN A 118 15.30 -3.35 0.48
C ASN A 118 14.52 -3.44 -0.83
N ASN A 119 13.35 -2.81 -0.87
CA ASN A 119 12.50 -2.95 -2.05
C ASN A 119 11.70 -1.68 -2.29
N ALA A 120 11.33 -1.48 -3.56
CA ALA A 120 10.46 -0.38 -3.97
C ALA A 120 9.93 -0.71 -5.36
N GLU A 121 8.82 -0.06 -5.71
CA GLU A 121 8.17 -0.30 -6.99
C GLU A 121 8.75 0.61 -8.07
N ILE A 122 8.89 0.07 -9.27
CA ILE A 122 9.26 0.85 -10.45
C ILE A 122 8.23 0.61 -11.53
N THR A 123 8.24 1.49 -12.54
CA THR A 123 7.38 1.36 -13.70
C THR A 123 8.21 1.69 -14.94
N ILE A 124 8.23 0.76 -15.89
CA ILE A 124 8.94 0.97 -17.14
C ILE A 124 7.92 1.44 -18.19
N SER A 125 7.62 2.74 -18.14
CA SER A 125 6.57 3.28 -18.99
C SER A 125 6.96 3.22 -20.47
N ASP A 126 5.98 2.89 -21.32
CA ASP A 126 6.18 2.81 -22.75
C ASP A 126 7.35 1.90 -23.11
N TYR A 127 7.43 0.75 -22.44
CA TYR A 127 8.57 -0.12 -22.59
C TYR A 127 8.63 -0.69 -24.00
N ILE A 128 9.85 -0.88 -24.51
CA ILE A 128 10.06 -1.18 -25.92
C ILE A 128 10.05 -2.69 -26.16
N LEU A 129 9.64 -3.45 -25.15
CA LEU A 129 9.46 -4.89 -25.29
C LEU A 129 7.98 -5.26 -25.43
N LYS A 130 7.13 -4.30 -25.76
CA LYS A 130 5.73 -4.60 -26.04
C LYS A 130 5.64 -5.60 -27.19
N ASP A 131 4.76 -6.58 -27.03
CA ASP A 131 4.53 -7.65 -28.01
C ASP A 131 5.72 -8.59 -28.14
N LYS A 132 6.60 -8.64 -27.14
CA LYS A 132 7.68 -9.60 -27.08
C LYS A 132 7.48 -10.53 -25.89
N LEU A 133 7.93 -11.76 -26.04
CA LEU A 133 7.78 -12.76 -25.00
C LEU A 133 8.92 -12.64 -23.98
N LEU A 134 8.57 -12.54 -22.71
CA LEU A 134 9.53 -12.41 -21.62
C LEU A 134 9.56 -13.69 -20.79
N SER A 135 10.74 -13.98 -20.25
CA SER A 135 10.94 -15.16 -19.42
C SER A 135 11.81 -14.78 -18.22
N SER A 136 11.72 -15.59 -17.17
CA SER A 136 12.52 -15.37 -15.98
C SER A 136 13.93 -15.92 -16.16
N TYR A 137 14.92 -15.19 -15.66
CA TYR A 137 16.30 -15.64 -15.72
C TYR A 137 17.17 -14.82 -14.78
N VAL A 138 18.32 -15.39 -14.43
CA VAL A 138 19.36 -14.69 -13.70
C VAL A 138 20.43 -14.25 -14.70
N SER A 139 21.04 -13.09 -14.44
CA SER A 139 22.00 -12.56 -15.40
C SER A 139 23.09 -11.77 -14.69
N LEU A 140 24.11 -11.42 -15.45
CA LEU A 140 25.25 -10.62 -15.03
C LEU A 140 25.22 -9.27 -15.73
N PRO A 141 25.97 -8.29 -15.21
CA PRO A 141 26.06 -7.01 -15.94
C PRO A 141 26.92 -7.13 -17.19
N LEU A 142 26.50 -6.45 -18.24
CA LEU A 142 27.22 -6.41 -19.50
C LEU A 142 27.81 -5.02 -19.70
N LYS A 143 29.11 -4.95 -19.99
CA LYS A 143 29.81 -3.69 -20.09
C LYS A 143 29.80 -3.21 -21.54
N ILE A 144 29.10 -2.10 -21.78
CA ILE A 144 29.12 -1.41 -23.07
C ILE A 144 29.72 -0.03 -22.85
N GLU A 145 30.71 0.33 -23.67
CA GLU A 145 31.47 1.57 -23.50
C GLU A 145 32.05 1.55 -22.09
N ASN A 146 31.84 2.59 -21.28
CA ASN A 146 32.40 2.67 -19.94
C ASN A 146 31.34 2.45 -18.86
N ARG A 147 30.20 1.88 -19.21
CA ARG A 147 29.12 1.65 -18.27
C ARG A 147 28.66 0.20 -18.33
N GLU A 148 28.10 -0.27 -17.22
CA GLU A 148 27.61 -1.63 -17.10
C GLU A 148 26.09 -1.62 -17.13
N TYR A 149 25.51 -2.65 -17.75
CA TYR A 149 24.07 -2.71 -18.00
C TYR A 149 23.49 -4.01 -17.50
N PHE A 150 22.28 -3.93 -16.95
CA PHE A 150 21.42 -5.09 -16.74
C PHE A 150 20.47 -5.21 -17.92
N LEU A 151 20.24 -6.43 -18.39
CA LEU A 151 19.47 -6.66 -19.60
C LEU A 151 18.16 -7.36 -19.28
N ILE A 152 17.07 -6.82 -19.81
CA ILE A 152 15.80 -7.54 -19.94
C ILE A 152 15.57 -7.75 -21.43
N CYS A 153 15.54 -9.01 -21.86
CA CYS A 153 15.44 -9.32 -23.28
C CYS A 153 14.19 -10.14 -23.57
N GLY A 154 13.59 -9.87 -24.73
CA GLY A 154 12.42 -10.61 -25.17
C GLY A 154 12.60 -11.06 -26.61
N VAL A 155 11.68 -11.91 -27.04
CA VAL A 155 11.71 -12.50 -28.37
C VAL A 155 10.29 -12.53 -28.93
N SER A 156 10.16 -12.26 -30.22
CA SER A 156 8.88 -12.40 -30.90
C SER A 156 8.48 -13.86 -30.89
N PRO A 157 7.30 -14.21 -30.35
CA PRO A 157 6.95 -15.63 -30.27
C PRO A 157 6.69 -16.29 -31.63
N TYR A 158 6.29 -15.53 -32.64
CA TYR A 158 5.90 -16.12 -33.93
C TYR A 158 5.78 -15.02 -34.96
N LYS A 159 6.27 -15.28 -36.17
CA LYS A 159 6.17 -14.32 -37.26
C LYS A 159 5.88 -15.03 -38.58
N PHE A 160 4.95 -14.45 -39.35
CA PHE A 160 4.67 -14.94 -40.70
C PHE A 160 5.64 -14.35 -41.71
N LYS A 161 5.84 -13.03 -41.67
CA LYS A 161 6.78 -12.33 -42.53
C LYS A 161 7.64 -11.41 -41.68
N ASP A 162 8.92 -11.34 -42.02
CA ASP A 162 9.91 -10.60 -41.22
C ASP A 162 10.54 -9.53 -42.10
N ASP A 163 10.01 -8.31 -42.00
CA ASP A 163 10.56 -7.20 -42.78
C ASP A 163 11.89 -6.71 -42.23
N ASN A 164 12.08 -6.80 -40.91
CA ASN A 164 13.28 -6.31 -40.25
C ASN A 164 13.79 -7.40 -39.31
N LYS A 165 14.96 -7.94 -39.63
CA LYS A 165 15.57 -8.98 -38.80
C LYS A 165 16.24 -8.43 -37.53
N LYS A 166 15.96 -7.16 -37.19
CA LYS A 166 16.41 -6.58 -35.93
C LYS A 166 15.28 -6.41 -34.92
N ASP A 167 14.06 -6.83 -35.25
CA ASP A 167 12.93 -6.71 -34.34
C ASP A 167 12.46 -8.07 -33.83
N ASP A 168 13.32 -9.09 -33.88
CA ASP A 168 12.94 -10.41 -33.42
C ASP A 168 13.36 -10.64 -31.97
N ILE A 169 14.63 -10.38 -31.68
CA ILE A 169 15.15 -10.34 -30.33
C ILE A 169 15.45 -8.89 -30.00
N LEU A 170 14.97 -8.42 -28.85
CA LEU A 170 15.16 -7.04 -28.44
C LEU A 170 15.40 -7.01 -26.94
N CYS A 171 16.34 -6.16 -26.52
CA CYS A 171 16.72 -6.06 -25.12
C CYS A 171 16.49 -4.66 -24.59
N MET A 172 16.00 -4.59 -23.36
CA MET A 172 15.89 -3.37 -22.58
C MET A 172 17.03 -3.36 -21.56
N ALA A 173 17.69 -2.21 -21.40
CA ALA A 173 18.91 -2.16 -20.60
C ALA A 173 18.86 -1.04 -19.57
N SER A 174 19.52 -1.29 -18.43
CA SER A 174 19.58 -0.35 -17.32
C SER A 174 21.02 -0.19 -16.85
N HIS A 175 21.46 1.06 -16.69
CA HIS A 175 22.80 1.35 -16.21
C HIS A 175 22.80 1.90 -14.78
N ASP A 176 21.66 1.93 -14.11
CA ASP A 176 21.58 2.41 -12.73
C ASP A 176 21.04 1.32 -11.81
N LYS A 177 21.54 0.09 -12.00
CA LYS A 177 21.19 -1.04 -11.14
C LYS A 177 19.69 -1.33 -11.17
N GLY A 178 19.09 -1.26 -12.35
CA GLY A 178 17.71 -1.66 -12.53
C GLY A 178 16.67 -0.65 -12.10
N GLU A 179 17.04 0.60 -11.85
CA GLU A 179 16.08 1.63 -11.47
C GLU A 179 15.27 2.10 -12.67
N THR A 180 15.96 2.42 -13.78
CA THR A 180 15.32 2.91 -14.99
C THR A 180 15.84 2.11 -16.18
N TRP A 181 14.98 1.94 -17.19
CA TRP A 181 15.27 1.06 -18.32
C TRP A 181 15.01 1.82 -19.62
N GLY A 182 15.88 2.76 -19.95
CA GLY A 182 15.73 3.57 -21.15
C GLY A 182 16.72 3.28 -22.26
N THR A 183 17.51 2.22 -22.16
CA THR A 183 18.53 1.92 -23.16
C THR A 183 18.06 0.73 -24.00
N LYS A 184 17.93 0.94 -25.31
CA LYS A 184 17.60 -0.13 -26.23
C LYS A 184 18.89 -0.74 -26.76
N ILE A 185 18.98 -2.07 -26.71
CA ILE A 185 20.09 -2.81 -27.30
C ILE A 185 19.51 -3.62 -28.45
N VAL A 186 19.98 -3.34 -29.66
CA VAL A 186 19.45 -3.95 -30.87
C VAL A 186 20.18 -5.25 -31.13
N ILE A 187 19.41 -6.30 -31.41
CA ILE A 187 19.94 -7.63 -31.72
C ILE A 187 19.59 -7.93 -33.17
N LYS A 188 20.62 -8.10 -34.01
CA LYS A 188 20.41 -8.56 -35.37
C LYS A 188 20.57 -10.08 -35.38
N TYR A 189 19.51 -10.78 -35.78
CA TYR A 189 19.51 -12.24 -35.82
C TYR A 189 18.88 -12.65 -37.15
N ASP A 190 19.74 -12.94 -38.14
CA ASP A 190 19.25 -13.22 -39.49
C ASP A 190 18.60 -14.59 -39.59
N ASN A 191 19.00 -15.54 -38.76
CA ASN A 191 18.45 -16.89 -38.82
C ASN A 191 17.18 -17.05 -37.97
N TYR A 192 16.49 -15.96 -37.67
CA TYR A 192 15.16 -16.07 -37.09
C TYR A 192 14.21 -16.62 -38.15
N LYS A 193 13.58 -17.75 -37.85
CA LYS A 193 12.78 -18.46 -38.83
C LYS A 193 11.33 -18.05 -38.76
N LEU A 194 10.70 -17.92 -39.92
CA LEU A 194 9.28 -17.63 -40.01
C LEU A 194 8.45 -18.89 -39.78
N GLY A 195 7.21 -18.68 -39.34
CA GLY A 195 6.32 -19.79 -39.08
C GLY A 195 6.82 -20.76 -38.03
N VAL A 196 7.59 -20.27 -37.07
CA VAL A 196 8.19 -21.09 -36.03
C VAL A 196 8.02 -20.38 -34.71
N GLN A 197 7.62 -21.13 -33.67
CA GLN A 197 7.36 -20.55 -32.37
C GLN A 197 8.58 -20.62 -31.47
N TYR A 198 8.86 -19.52 -30.79
CA TYR A 198 10.03 -19.40 -29.94
C TYR A 198 9.61 -19.34 -28.47
N PHE A 199 10.44 -19.90 -27.60
CA PHE A 199 10.13 -19.95 -26.18
C PHE A 199 11.36 -19.65 -25.37
N PHE A 200 11.14 -19.01 -24.20
CA PHE A 200 12.09 -19.01 -23.08
C PHE A 200 13.45 -18.47 -23.50
N LEU A 201 13.46 -17.22 -23.93
CA LEU A 201 14.72 -16.57 -24.29
C LEU A 201 15.50 -16.19 -23.04
N ARG A 202 16.77 -16.56 -22.99
CA ARG A 202 17.59 -16.20 -21.85
C ARG A 202 18.98 -15.77 -22.31
N PRO A 203 19.40 -14.56 -21.96
CA PRO A 203 20.77 -14.14 -22.28
C PRO A 203 21.77 -14.81 -21.35
N TYR A 204 22.90 -15.19 -21.92
CA TYR A 204 24.05 -15.69 -21.18
C TYR A 204 25.21 -14.73 -21.42
N ILE A 205 25.79 -14.21 -20.35
CA ILE A 205 26.85 -13.22 -20.43
C ILE A 205 28.08 -13.77 -19.73
N SER A 206 29.18 -13.87 -20.48
CA SER A 206 30.42 -14.39 -19.92
C SER A 206 31.58 -13.64 -20.56
N LYS A 207 32.54 -13.20 -19.73
CA LYS A 207 33.69 -12.45 -20.20
C LYS A 207 33.27 -11.24 -21.03
N ASN A 208 32.16 -10.63 -20.62
CA ASN A 208 31.54 -9.49 -21.32
C ASN A 208 31.09 -9.85 -22.73
N ASP A 209 30.84 -11.12 -23.01
CA ASP A 209 30.34 -11.57 -24.29
C ASP A 209 28.89 -11.99 -24.13
N LEU A 210 28.05 -11.66 -25.11
CA LEU A 210 26.63 -11.89 -25.04
C LEU A 210 26.24 -13.06 -25.93
N SER A 211 25.29 -13.86 -25.44
CA SER A 211 24.77 -14.99 -26.20
C SER A 211 23.39 -15.31 -25.66
N PHE A 212 22.62 -16.06 -26.42
CA PHE A 212 21.23 -16.33 -26.07
C PHE A 212 20.95 -17.82 -26.15
N HIS A 213 20.17 -18.30 -25.18
CA HIS A 213 19.73 -19.67 -25.08
C HIS A 213 18.20 -19.67 -25.10
N PHE A 214 17.61 -20.45 -26.00
CA PHE A 214 16.16 -20.44 -26.14
C PHE A 214 15.71 -21.75 -26.77
N TYR A 215 14.39 -21.91 -26.82
CA TYR A 215 13.76 -23.11 -27.36
C TYR A 215 12.98 -22.76 -28.62
N VAL A 216 12.89 -23.73 -29.52
CA VAL A 216 12.15 -23.60 -30.77
C VAL A 216 11.20 -24.78 -30.87
N GLY A 217 9.95 -24.51 -31.22
CA GLY A 217 8.96 -25.57 -31.36
C GLY A 217 9.07 -26.26 -32.72
N ASP A 218 8.82 -27.56 -32.72
CA ASP A 218 8.89 -28.38 -33.92
C ASP A 218 7.49 -28.73 -34.38
N ASN A 219 7.22 -28.53 -35.68
CA ASN A 219 5.89 -28.83 -36.22
C ASN A 219 5.71 -30.33 -36.42
N ILE A 220 6.72 -31.01 -36.96
CA ILE A 220 6.60 -32.43 -37.28
C ILE A 220 6.44 -33.26 -36.00
N ASN A 221 7.39 -33.13 -35.08
CA ASN A 221 7.35 -33.84 -33.81
C ASN A 221 7.07 -32.86 -32.68
N ASN A 222 6.35 -33.33 -31.67
CA ASN A 222 5.88 -32.47 -30.58
C ASN A 222 6.96 -32.34 -29.50
N VAL A 223 8.04 -31.64 -29.85
CA VAL A 223 9.15 -31.38 -28.94
C VAL A 223 9.64 -29.95 -29.12
N LYS A 224 10.27 -29.43 -28.08
CA LYS A 224 10.94 -28.13 -28.12
C LYS A 224 12.44 -28.36 -28.16
N ASN A 225 13.10 -27.76 -29.16
CA ASN A 225 14.52 -27.96 -29.38
C ASN A 225 15.32 -26.77 -28.87
N VAL A 226 16.43 -27.06 -28.20
CA VAL A 226 17.31 -26.02 -27.68
C VAL A 226 18.07 -25.38 -28.85
N ASN A 227 18.07 -24.05 -28.88
CA ASN A 227 18.93 -23.29 -29.77
C ASN A 227 19.89 -22.44 -28.94
N PHE A 228 21.05 -22.18 -29.53
CA PHE A 228 22.07 -21.36 -28.88
C PHE A 228 22.70 -20.47 -29.94
N ILE A 229 22.64 -19.17 -29.74
CA ILE A 229 23.25 -18.21 -30.65
C ILE A 229 24.30 -17.42 -29.90
N GLU A 230 25.45 -17.22 -30.53
CA GLU A 230 26.52 -16.40 -29.99
C GLU A 230 26.49 -15.05 -30.69
N CYS A 231 26.79 -14.00 -29.94
CA CYS A 231 26.67 -12.64 -30.44
C CYS A 231 28.01 -11.94 -30.41
N THR A 232 28.25 -11.13 -31.43
CA THR A 232 29.41 -10.25 -31.47
C THR A 232 28.95 -8.81 -31.35
N HIS A 233 29.70 -8.01 -30.59
CA HIS A 233 29.40 -6.61 -30.40
C HIS A 233 29.97 -5.80 -31.56
N GLU A 234 29.08 -5.13 -32.30
CA GLU A 234 29.49 -4.38 -33.48
C GLU A 234 29.34 -2.90 -33.17
N LYS A 235 28.19 -2.29 -33.42
CA LYS A 235 27.96 -0.93 -32.96
C LYS A 235 27.83 -0.92 -31.44
N ASP A 236 27.81 0.28 -30.88
CA ASP A 236 27.80 0.43 -29.42
C ASP A 236 26.60 -0.29 -28.80
N LEU A 237 25.40 -0.04 -29.32
CA LEU A 237 24.19 -0.66 -28.79
C LEU A 237 23.61 -1.69 -29.74
N GLU A 238 24.41 -2.27 -30.63
CA GLU A 238 23.93 -3.25 -31.59
C GLU A 238 24.81 -4.50 -31.52
N PHE A 239 24.16 -5.66 -31.42
CA PHE A 239 24.81 -6.96 -31.49
C PHE A 239 24.23 -7.75 -32.66
N VAL A 240 25.08 -8.54 -33.30
CA VAL A 240 24.64 -9.48 -34.32
C VAL A 240 24.87 -10.88 -33.78
N CYS A 241 23.88 -11.76 -33.95
CA CYS A 241 23.91 -13.08 -33.35
C CYS A 241 23.69 -14.13 -34.43
N SER A 242 24.56 -15.14 -34.44
CA SER A 242 24.44 -16.26 -35.35
C SER A 242 24.30 -17.55 -34.55
N ASN A 243 23.70 -18.56 -35.17
CA ASN A 243 23.53 -19.82 -34.49
C ASN A 243 24.88 -20.54 -34.35
N ARG A 244 24.93 -21.44 -33.37
CA ARG A 244 26.10 -22.26 -33.12
C ARG A 244 25.64 -23.70 -32.98
N ASP A 245 26.15 -24.57 -33.86
CA ASP A 245 25.67 -25.94 -33.92
C ASP A 245 26.35 -26.81 -32.88
N PHE A 246 25.54 -27.50 -32.07
CA PHE A 246 26.03 -28.46 -31.11
C PHE A 246 25.42 -29.85 -31.30
N LEU A 247 24.59 -30.04 -32.32
CA LEU A 247 23.84 -31.28 -32.43
C LEU A 247 24.77 -32.47 -32.64
N LYS A 248 24.43 -33.59 -32.01
CA LYS A 248 25.15 -34.83 -32.19
C LYS A 248 24.18 -36.00 -32.17
N ASP A 249 24.55 -37.06 -32.88
CA ASP A 249 23.64 -38.15 -33.16
C ASP A 249 23.28 -38.91 -31.89
N ASN A 250 22.00 -39.29 -31.79
CA ASN A 250 21.48 -40.07 -30.66
C ASN A 250 21.66 -39.34 -29.33
N LYS A 251 21.74 -38.02 -29.39
CA LYS A 251 21.85 -37.18 -28.20
C LYS A 251 21.10 -35.89 -28.45
N VAL A 252 20.37 -35.43 -27.43
CA VAL A 252 19.55 -34.23 -27.54
C VAL A 252 20.22 -33.10 -26.77
N LEU A 253 20.40 -31.97 -27.44
CA LEU A 253 21.06 -30.82 -26.84
C LEU A 253 20.26 -30.32 -25.65
N GLN A 254 20.97 -30.03 -24.55
CA GLN A 254 20.30 -29.55 -23.34
C GLN A 254 20.76 -28.14 -22.97
N ASP A 255 21.95 -27.99 -22.41
CA ASP A 255 22.45 -26.69 -22.00
C ASP A 255 23.86 -26.46 -22.51
N VAL A 256 24.25 -25.18 -22.55
CA VAL A 256 25.54 -24.75 -23.05
C VAL A 256 26.15 -23.80 -22.03
N SER A 257 27.46 -23.89 -21.86
CA SER A 257 28.21 -22.92 -21.05
C SER A 257 29.65 -22.91 -21.55
N THR A 258 30.47 -22.07 -20.92
CA THR A 258 31.88 -21.95 -21.29
C THR A 258 32.74 -22.08 -20.05
N LEU A 259 33.70 -23.01 -20.10
CA LEU A 259 34.75 -23.14 -19.10
C LEU A 259 36.08 -23.12 -19.80
N ASN A 260 37.05 -22.41 -19.21
CA ASN A 260 38.41 -22.34 -19.73
C ASN A 260 38.43 -21.88 -21.19
N ASP A 261 37.58 -20.90 -21.50
CA ASP A 261 37.51 -20.30 -22.83
C ASP A 261 37.14 -21.32 -23.91
N GLU A 262 36.39 -22.34 -23.52
CA GLU A 262 35.88 -23.34 -24.45
C GLU A 262 34.45 -23.66 -24.06
N TYR A 263 33.72 -24.24 -25.01
CA TYR A 263 32.32 -24.59 -24.77
C TYR A 263 32.25 -25.92 -24.03
N ILE A 264 31.42 -25.97 -22.98
CA ILE A 264 31.02 -27.22 -22.35
C ILE A 264 29.52 -27.38 -22.59
N VAL A 265 29.10 -28.57 -22.98
CA VAL A 265 27.75 -28.79 -23.49
C VAL A 265 27.19 -30.06 -22.87
N SER A 266 25.99 -29.98 -22.32
CA SER A 266 25.30 -31.15 -21.82
C SER A 266 24.33 -31.68 -22.86
N TYR A 267 24.16 -32.99 -22.86
CA TYR A 267 23.23 -33.66 -23.76
C TYR A 267 22.43 -34.70 -22.98
N GLY A 268 21.25 -35.01 -23.49
CA GLY A 268 20.50 -36.15 -23.03
C GLY A 268 20.51 -37.26 -24.06
N ASN A 269 20.32 -38.50 -23.61
CA ASN A 269 20.27 -39.61 -24.56
C ASN A 269 19.01 -39.55 -25.41
N ASP A 270 17.89 -39.13 -24.83
CA ASP A 270 16.64 -39.01 -25.56
C ASP A 270 15.85 -37.85 -24.95
N ASN A 271 14.63 -37.64 -25.45
CA ASN A 271 13.80 -36.56 -24.95
C ASN A 271 13.29 -36.79 -23.53
N ASN A 272 13.53 -37.97 -22.96
CA ASN A 272 13.19 -38.25 -21.57
C ASN A 272 14.35 -38.07 -20.61
N PHE A 273 15.57 -37.88 -21.13
CA PHE A 273 16.75 -37.58 -20.32
C PHE A 273 16.98 -38.62 -19.23
N ALA A 274 17.13 -39.88 -19.67
CA ALA A 274 17.48 -40.94 -18.73
C ALA A 274 18.89 -40.77 -18.21
N GLU A 275 19.85 -40.57 -19.11
CA GLU A 275 21.23 -40.27 -18.77
C GLU A 275 21.60 -38.92 -19.34
N CYS A 276 22.71 -38.37 -18.86
CA CYS A 276 23.21 -37.09 -19.33
C CYS A 276 24.69 -37.18 -19.62
N TYR A 277 25.09 -36.57 -20.74
CA TYR A 277 26.47 -36.53 -21.17
C TYR A 277 26.93 -35.07 -21.21
N ILE A 278 28.13 -34.81 -20.70
CA ILE A 278 28.71 -33.47 -20.69
C ILE A 278 30.03 -33.52 -21.44
N PHE A 279 30.13 -32.73 -22.50
CA PHE A 279 31.30 -32.70 -23.36
C PHE A 279 32.07 -31.41 -23.16
N PHE A 280 33.39 -31.53 -23.04
CA PHE A 280 34.29 -30.39 -22.86
C PHE A 280 35.05 -30.18 -24.17
N ASN A 281 34.77 -29.05 -24.83
CA ASN A 281 35.38 -28.74 -26.13
C ASN A 281 35.11 -29.85 -27.15
N ASN A 282 33.99 -30.56 -27.00
CA ASN A 282 33.54 -31.66 -27.85
C ASN A 282 34.49 -32.85 -27.85
N GLU A 283 35.42 -32.92 -26.90
CA GLU A 283 36.37 -34.03 -26.83
C GLU A 283 36.11 -34.91 -25.62
N ASN A 284 36.60 -34.51 -24.46
CA ASN A 284 36.39 -35.29 -23.24
C ASN A 284 34.93 -35.21 -22.83
N SER A 285 34.40 -36.34 -22.36
CA SER A 285 33.01 -36.42 -21.94
C SER A 285 32.92 -37.16 -20.61
N ILE A 286 31.90 -36.81 -19.84
CA ILE A 286 31.60 -37.47 -18.57
C ILE A 286 30.13 -37.86 -18.57
N LEU A 287 29.84 -39.03 -18.02
CA LEU A 287 28.51 -39.62 -18.08
C LEU A 287 27.79 -39.40 -16.76
N ILE A 288 26.59 -38.84 -16.83
CA ILE A 288 25.74 -38.62 -15.65
C ILE A 288 24.70 -39.72 -15.63
N LYS A 289 24.73 -40.57 -14.60
CA LYS A 289 23.74 -41.63 -14.42
C LYS A 289 22.99 -41.37 -13.13
N PRO A 290 21.86 -40.69 -13.17
CA PRO A 290 21.08 -40.52 -11.93
C PRO A 290 20.32 -41.79 -11.55
N GLU A 291 21.03 -42.92 -11.52
CA GLU A 291 20.43 -44.21 -11.19
C GLU A 291 21.35 -44.93 -10.20
N LYS A 292 20.79 -45.27 -9.05
CA LYS A 292 21.51 -46.04 -8.03
C LYS A 292 20.56 -46.59 -6.98
N THR A 296 16.80 -44.76 -7.47
CA THR A 296 16.61 -44.88 -8.91
C THR A 296 15.35 -44.14 -9.37
N ALA A 297 14.82 -44.57 -10.51
CA ALA A 297 13.63 -43.99 -11.16
C ALA A 297 13.80 -42.51 -11.50
N ALA A 298 15.00 -41.97 -11.37
CA ALA A 298 15.23 -40.54 -11.54
C ALA A 298 15.68 -40.24 -12.96
N GLY A 299 15.91 -38.96 -13.23
CA GLY A 299 16.43 -38.50 -14.50
C GLY A 299 17.17 -37.20 -14.30
N CYS A 300 17.71 -36.67 -15.40
CA CYS A 300 18.46 -35.42 -15.39
C CYS A 300 17.76 -34.35 -16.23
N TYR A 301 16.43 -34.38 -16.29
CA TYR A 301 15.70 -33.33 -16.98
C TYR A 301 15.88 -31.99 -16.27
N GLY A 302 15.91 -30.93 -17.06
CA GLY A 302 16.10 -29.60 -16.51
C GLY A 302 17.52 -29.27 -16.11
N GLY A 303 18.47 -30.17 -16.37
CA GLY A 303 19.86 -29.94 -16.03
C GLY A 303 20.41 -28.67 -16.66
N THR A 304 21.10 -27.87 -15.86
CA THR A 304 21.60 -26.58 -16.30
C THR A 304 22.95 -26.32 -15.67
N PHE A 305 23.79 -25.56 -16.38
CA PHE A 305 25.08 -25.14 -15.85
C PHE A 305 24.91 -23.87 -15.03
N VAL A 306 25.66 -23.80 -13.94
CA VAL A 306 25.75 -22.60 -13.10
C VAL A 306 27.23 -22.31 -12.94
N LYS A 307 27.71 -21.27 -13.60
CA LYS A 307 29.13 -20.97 -13.62
C LYS A 307 29.53 -20.23 -12.35
N ILE A 308 30.63 -20.65 -11.73
CA ILE A 308 31.17 -19.98 -10.56
C ILE A 308 32.32 -19.04 -10.94
N ASP A 309 33.23 -19.51 -11.78
CA ASP A 309 34.26 -18.66 -12.36
C ASP A 309 34.66 -19.27 -13.70
N GLU A 310 35.81 -18.85 -14.23
CA GLU A 310 36.23 -19.32 -15.55
C GLU A 310 36.71 -20.77 -15.55
N ASN A 311 36.94 -21.36 -14.38
CA ASN A 311 37.35 -22.76 -14.30
C ASN A 311 36.42 -23.63 -13.48
N ARG A 312 35.45 -23.06 -12.76
CA ARG A 312 34.63 -23.81 -11.82
C ARG A 312 33.16 -23.59 -12.16
N ALA A 313 32.43 -24.68 -12.33
CA ALA A 313 31.03 -24.62 -12.70
C ALA A 313 30.25 -25.72 -12.00
N LEU A 314 28.95 -25.52 -11.89
CA LEU A 314 28.02 -26.50 -11.35
C LEU A 314 27.09 -26.99 -12.44
N PHE A 315 26.72 -28.27 -12.38
CA PHE A 315 25.66 -28.83 -13.19
C PHE A 315 24.60 -29.38 -12.25
N ILE A 316 23.40 -28.81 -12.29
CA ILE A 316 22.35 -29.07 -11.31
C ILE A 316 21.10 -29.56 -12.03
N TYR A 317 20.51 -30.63 -11.50
CA TYR A 317 19.21 -31.13 -11.95
C TYR A 317 18.51 -31.72 -10.74
N SER A 318 17.17 -31.75 -10.80
CA SER A 318 16.37 -32.30 -9.71
C SER A 318 16.12 -33.77 -9.97
N SER A 319 16.78 -34.63 -9.20
CA SER A 319 16.64 -36.08 -9.32
C SER A 319 15.18 -36.48 -9.12
N SER A 320 14.68 -36.33 -7.91
CA SER A 320 13.28 -36.54 -7.57
C SER A 320 12.72 -35.24 -6.97
N GLN A 321 11.48 -35.31 -6.48
CA GLN A 321 10.82 -34.14 -5.93
C GLN A 321 11.50 -33.72 -4.63
N GLY A 322 12.11 -32.54 -4.62
CA GLY A 322 12.77 -32.00 -3.46
C GLY A 322 14.26 -32.28 -3.36
N ILE A 323 14.79 -33.17 -4.18
CA ILE A 323 16.19 -33.56 -4.15
C ILE A 323 16.90 -32.93 -5.35
N TYR A 324 18.07 -32.35 -5.10
CA TYR A 324 18.87 -31.72 -6.14
C TYR A 324 20.23 -32.40 -6.20
N ASN A 325 20.61 -32.83 -7.40
CA ASN A 325 21.94 -33.37 -7.65
C ASN A 325 22.85 -32.24 -8.13
N ILE A 326 23.95 -32.03 -7.42
CA ILE A 326 24.90 -30.97 -7.74
C ILE A 326 26.21 -31.62 -8.15
N HIS A 327 26.52 -31.58 -9.44
CA HIS A 327 27.82 -31.98 -9.95
C HIS A 327 28.69 -30.73 -10.06
N THR A 328 29.79 -30.71 -9.31
CA THR A 328 30.75 -29.62 -9.36
C THR A 328 31.85 -29.97 -10.35
N ILE A 329 32.13 -29.06 -11.28
CA ILE A 329 33.07 -29.30 -12.37
C ILE A 329 34.19 -28.27 -12.29
N TYR A 330 35.44 -28.74 -12.29
CA TYR A 330 36.61 -27.90 -12.42
C TYR A 330 37.35 -28.30 -13.68
N TYR A 331 37.64 -27.32 -14.53
CA TYR A 331 38.24 -27.55 -15.85
C TYR A 331 39.20 -26.42 -16.13
N ALA A 332 40.49 -26.73 -16.28
CA ALA A 332 41.51 -25.70 -16.43
C ALA A 332 42.73 -26.28 -17.12
N ASN A 333 43.64 -25.38 -17.50
CA ASN A 333 44.97 -25.77 -17.96
C ASN A 333 45.88 -25.98 -16.75
N TYR A 334 46.68 -27.04 -16.81
CA TYR A 334 47.63 -27.29 -15.72
C TYR A 334 48.97 -26.63 -15.97
N GLU A 335 49.17 -25.98 -17.10
CA GLU A 335 50.41 -25.27 -17.38
C GLU A 335 50.11 -23.90 -17.99
N GLN B 1 0.06 7.10 -12.28
CA GLN B 1 -1.20 7.69 -12.71
C GLN B 1 -2.38 6.80 -12.30
N VAL B 2 -2.14 5.92 -11.33
CA VAL B 2 -3.20 5.07 -10.81
C VAL B 2 -4.25 5.92 -10.12
N GLN B 3 -5.52 5.60 -10.34
CA GLN B 3 -6.62 6.31 -9.72
C GLN B 3 -7.66 5.32 -9.20
N LEU B 4 -8.16 5.59 -7.99
CA LEU B 4 -9.17 4.75 -7.35
C LEU B 4 -10.31 5.66 -6.90
N GLN B 5 -11.35 5.76 -7.72
CA GLN B 5 -12.51 6.60 -7.42
C GLN B 5 -13.61 5.73 -6.85
N GLN B 6 -13.95 5.95 -5.58
CA GLN B 6 -15.04 5.23 -4.94
C GLN B 6 -16.35 5.97 -5.11
N SER B 7 -17.45 5.27 -4.82
CA SER B 7 -18.78 5.87 -4.92
C SER B 7 -19.06 6.77 -3.71
N GLY B 8 -20.10 7.59 -3.85
CA GLY B 8 -20.37 8.61 -2.88
C GLY B 8 -21.01 8.07 -1.63
N PRO B 9 -21.36 8.98 -0.71
CA PRO B 9 -21.93 8.55 0.57
C PRO B 9 -23.27 7.87 0.39
N GLN B 10 -23.57 6.93 1.30
CA GLN B 10 -24.84 6.23 1.28
C GLN B 10 -25.42 6.14 2.68
N LEU B 11 -26.74 6.28 2.76
CA LEU B 11 -27.51 6.12 3.99
C LEU B 11 -28.59 5.08 3.71
N VAL B 12 -28.48 3.92 4.36
CA VAL B 12 -29.44 2.85 4.18
C VAL B 12 -29.98 2.42 5.53
N ARG B 13 -31.12 1.76 5.51
CA ARG B 13 -31.74 1.22 6.71
C ARG B 13 -31.26 -0.21 6.95
N PRO B 14 -31.33 -0.68 8.19
CA PRO B 14 -30.83 -2.03 8.50
C PRO B 14 -31.60 -3.09 7.71
N GLY B 15 -30.86 -4.02 7.12
CA GLY B 15 -31.44 -5.09 6.33
C GLY B 15 -31.55 -4.82 4.85
N ALA B 16 -31.27 -3.59 4.41
CA ALA B 16 -31.36 -3.24 3.00
C ALA B 16 -29.98 -3.40 2.36
N SER B 17 -29.90 -4.24 1.33
CA SER B 17 -28.62 -4.51 0.69
C SER B 17 -28.00 -3.24 0.14
N VAL B 18 -26.72 -3.04 0.44
CA VAL B 18 -25.98 -1.86 0.01
C VAL B 18 -24.67 -2.32 -0.63
N LYS B 19 -24.23 -1.60 -1.66
CA LYS B 19 -23.03 -1.96 -2.39
C LYS B 19 -22.20 -0.70 -2.63
N ILE B 20 -20.90 -0.78 -2.36
CA ILE B 20 -19.97 0.31 -2.57
C ILE B 20 -19.02 -0.08 -3.71
N SER B 21 -18.79 0.86 -4.62
CA SER B 21 -17.95 0.61 -5.78
C SER B 21 -16.63 1.36 -5.66
N CYS B 22 -15.64 0.89 -6.42
CA CYS B 22 -14.32 1.54 -6.49
C CYS B 22 -13.80 1.33 -7.90
N LYS B 23 -13.82 2.38 -8.71
CA LYS B 23 -13.48 2.30 -10.12
C LYS B 23 -12.01 2.67 -10.31
N THR B 24 -11.29 1.84 -11.06
CA THR B 24 -9.85 1.95 -11.23
C THR B 24 -9.51 2.39 -12.64
N SER B 25 -8.32 2.98 -12.77
CA SER B 25 -7.80 3.36 -14.07
C SER B 25 -6.30 3.58 -13.96
N GLY B 26 -5.62 3.47 -15.09
CA GLY B 26 -4.20 3.73 -15.15
C GLY B 26 -3.29 2.56 -14.87
N TYR B 27 -3.83 1.34 -14.81
CA TYR B 27 -3.03 0.15 -14.55
C TYR B 27 -3.87 -1.08 -14.89
N SER B 28 -3.19 -2.21 -15.02
CA SER B 28 -3.85 -3.47 -15.31
C SER B 28 -4.60 -3.94 -14.07
N PHE B 29 -5.93 -3.85 -14.11
CA PHE B 29 -6.76 -4.12 -12.93
C PHE B 29 -6.57 -5.55 -12.44
N THR B 30 -6.35 -6.50 -13.35
CA THR B 30 -6.22 -7.89 -12.97
C THR B 30 -4.84 -8.25 -12.43
N SER B 31 -3.87 -7.34 -12.50
CA SER B 31 -2.51 -7.65 -12.09
C SER B 31 -2.26 -7.42 -10.61
N PHE B 32 -3.24 -6.91 -9.85
CA PHE B 32 -3.01 -6.55 -8.46
C PHE B 32 -4.21 -6.88 -7.60
N TRP B 33 -3.93 -7.47 -6.43
CA TRP B 33 -4.96 -7.66 -5.42
C TRP B 33 -5.57 -6.31 -5.03
N MET B 34 -6.86 -6.34 -4.73
CA MET B 34 -7.59 -5.17 -4.26
C MET B 34 -8.02 -5.41 -2.81
N HIS B 35 -7.66 -4.49 -1.93
CA HIS B 35 -8.01 -4.59 -0.52
C HIS B 35 -9.17 -3.67 -0.17
N TRP B 36 -9.84 -3.99 0.93
CA TRP B 36 -10.83 -3.12 1.53
C TRP B 36 -10.49 -2.92 3.00
N VAL B 37 -10.54 -1.66 3.44
CA VAL B 37 -10.25 -1.28 4.82
C VAL B 37 -11.44 -0.48 5.35
N LYS B 38 -11.77 -0.68 6.62
CA LYS B 38 -12.86 0.02 7.27
C LYS B 38 -12.32 0.98 8.32
N GLN B 39 -12.82 2.21 8.30
CA GLN B 39 -12.55 3.18 9.35
C GLN B 39 -13.78 3.22 10.26
N TRP B 40 -13.61 2.79 11.52
CA TRP B 40 -14.69 2.77 12.48
C TRP B 40 -14.97 4.19 12.99
N PRO B 41 -16.24 4.54 13.17
CA PRO B 41 -16.58 5.90 13.63
C PRO B 41 -15.97 6.22 14.98
N GLY B 42 -15.13 7.27 15.00
CA GLY B 42 -14.47 7.68 16.22
C GLY B 42 -13.38 6.73 16.70
N GLN B 43 -12.96 5.79 15.84
CA GLN B 43 -11.92 4.86 16.24
C GLN B 43 -10.93 4.62 15.11
N GLY B 44 -10.39 3.41 15.00
CA GLY B 44 -9.28 3.13 14.12
C GLY B 44 -9.67 2.37 12.88
N LEU B 45 -8.66 1.81 12.23
CA LEU B 45 -8.82 1.11 10.97
C LEU B 45 -8.85 -0.40 11.21
N GLU B 46 -9.52 -1.11 10.29
CA GLU B 46 -9.56 -2.57 10.35
C GLU B 46 -9.56 -3.11 8.92
N TRP B 47 -8.69 -4.09 8.67
CA TRP B 47 -8.58 -4.71 7.36
C TRP B 47 -9.73 -5.67 7.13
N ILE B 48 -10.50 -5.45 6.07
CA ILE B 48 -11.64 -6.31 5.77
C ILE B 48 -11.21 -7.54 5.00
N GLY B 49 -10.48 -7.35 3.91
CA GLY B 49 -10.06 -8.47 3.10
C GLY B 49 -9.48 -7.99 1.78
N MET B 50 -9.20 -8.96 0.92
CA MET B 50 -8.61 -8.68 -0.38
C MET B 50 -9.17 -9.66 -1.41
N ILE B 51 -9.23 -9.22 -2.66
CA ILE B 51 -9.76 -10.04 -3.75
C ILE B 51 -8.77 -10.01 -4.92
N ASP B 52 -8.58 -11.17 -5.54
CA ASP B 52 -7.74 -11.31 -6.72
C ASP B 52 -8.65 -11.19 -7.95
N PRO B 53 -8.59 -10.09 -8.70
CA PRO B 53 -9.48 -9.96 -9.86
C PRO B 53 -9.23 -10.99 -10.95
N SER B 54 -8.00 -11.48 -11.09
CA SER B 54 -7.71 -12.44 -12.15
C SER B 54 -8.27 -13.83 -11.84
N GLU B 55 -8.31 -14.21 -10.56
CA GLU B 55 -8.80 -15.52 -10.16
C GLU B 55 -10.15 -15.48 -9.46
N ASN B 56 -10.66 -14.29 -9.13
CA ASN B 56 -11.88 -14.13 -8.33
C ASN B 56 -11.79 -14.87 -7.00
N LYS B 57 -10.57 -14.92 -6.44
CA LYS B 57 -10.29 -15.55 -5.16
C LYS B 57 -10.22 -14.49 -4.07
N ILE B 58 -10.66 -14.84 -2.87
CA ILE B 58 -10.87 -13.89 -1.79
C ILE B 58 -10.17 -14.38 -0.53
N ARG B 59 -9.47 -13.46 0.14
CA ARG B 59 -8.97 -13.65 1.50
C ARG B 59 -9.71 -12.64 2.36
N LEU B 60 -10.53 -13.13 3.29
CA LEU B 60 -11.42 -12.28 4.07
C LEU B 60 -11.10 -12.43 5.55
N ASN B 61 -10.98 -11.29 6.23
CA ASN B 61 -10.97 -11.28 7.68
C ASN B 61 -12.27 -11.91 8.19
N GLN B 62 -12.13 -12.95 9.01
CA GLN B 62 -13.31 -13.67 9.48
C GLN B 62 -14.22 -12.84 10.37
N ASN B 63 -13.75 -11.68 10.86
CA ASN B 63 -14.67 -10.78 11.54
C ASN B 63 -15.72 -10.21 10.61
N PHE B 64 -15.51 -10.33 9.29
CA PHE B 64 -16.48 -9.91 8.30
C PHE B 64 -17.01 -11.09 7.48
N LYS B 65 -16.91 -12.30 8.02
CA LYS B 65 -17.19 -13.51 7.25
C LYS B 65 -18.59 -13.48 6.66
N ASP B 66 -19.59 -13.21 7.49
CA ASP B 66 -20.97 -13.18 7.04
C ASP B 66 -21.52 -11.77 6.96
N ARG B 67 -20.65 -10.77 6.84
CA ARG B 67 -21.07 -9.37 6.74
C ARG B 67 -20.79 -8.81 5.36
N ALA B 68 -19.55 -8.87 4.91
CA ALA B 68 -19.15 -8.30 3.63
C ALA B 68 -18.90 -9.39 2.61
N THR B 69 -19.15 -9.07 1.35
CA THR B 69 -18.85 -9.94 0.22
C THR B 69 -18.17 -9.11 -0.85
N LEU B 70 -17.00 -9.54 -1.30
CA LEU B 70 -16.22 -8.81 -2.27
C LEU B 70 -16.41 -9.41 -3.67
N THR B 71 -16.51 -8.53 -4.66
CA THR B 71 -16.62 -8.95 -6.06
C THR B 71 -15.80 -7.99 -6.91
N VAL B 72 -15.67 -8.34 -8.19
CA VAL B 72 -15.02 -7.48 -9.18
C VAL B 72 -15.78 -7.56 -10.48
N ASP B 73 -15.62 -6.54 -11.30
CA ASP B 73 -16.03 -6.57 -12.71
C ASP B 73 -14.80 -6.15 -13.51
N THR B 74 -14.12 -7.13 -14.10
CA THR B 74 -12.91 -6.84 -14.86
C THR B 74 -13.22 -6.13 -16.17
N SER B 75 -14.46 -6.22 -16.66
CA SER B 75 -14.80 -5.52 -17.89
C SER B 75 -14.82 -4.02 -17.69
N SER B 76 -15.20 -3.55 -16.50
CA SER B 76 -15.21 -2.13 -16.18
C SER B 76 -14.14 -1.74 -15.18
N ALA B 77 -13.33 -2.69 -14.72
CA ALA B 77 -12.20 -2.42 -13.82
C ALA B 77 -12.67 -1.77 -12.52
N THR B 78 -13.76 -2.29 -11.95
CA THR B 78 -14.31 -1.80 -10.70
C THR B 78 -14.39 -2.93 -9.69
N ALA B 79 -14.05 -2.62 -8.44
CA ALA B 79 -14.16 -3.56 -7.34
C ALA B 79 -15.37 -3.18 -6.48
N TYR B 80 -16.05 -4.18 -5.95
CA TYR B 80 -17.27 -3.97 -5.18
C TYR B 80 -17.15 -4.61 -3.81
N ILE B 81 -17.83 -4.01 -2.83
CA ILE B 81 -18.03 -4.60 -1.52
C ILE B 81 -19.50 -4.42 -1.15
N GLN B 82 -20.13 -5.50 -0.70
CA GLN B 82 -21.56 -5.51 -0.48
C GLN B 82 -21.89 -6.05 0.91
N PHE B 83 -22.82 -5.38 1.58
CA PHE B 83 -23.42 -5.84 2.82
C PHE B 83 -24.86 -6.22 2.51
N SER B 84 -25.15 -7.52 2.51
CA SER B 84 -26.49 -7.98 2.14
C SER B 84 -27.51 -7.65 3.22
N ARG B 85 -27.17 -7.89 4.48
CA ARG B 85 -28.05 -7.59 5.62
C ARG B 85 -27.30 -6.70 6.61
N PRO B 86 -27.07 -5.44 6.25
CA PRO B 86 -26.27 -4.58 7.12
C PRO B 86 -27.01 -4.19 8.39
N THR B 87 -26.23 -4.00 9.45
CA THR B 87 -26.75 -3.53 10.73
C THR B 87 -26.08 -2.21 11.08
N SER B 88 -26.52 -1.62 12.19
CA SER B 88 -25.93 -0.38 12.66
C SER B 88 -24.42 -0.52 12.87
N GLU B 89 -23.95 -1.72 13.19
CA GLU B 89 -22.52 -1.95 13.42
C GLU B 89 -21.72 -1.69 12.14
N ASP B 90 -22.33 -1.87 10.98
CA ASP B 90 -21.62 -1.74 9.70
C ASP B 90 -21.37 -0.30 9.29
N SER B 91 -21.88 0.68 10.04
CA SER B 91 -21.64 2.07 9.72
C SER B 91 -20.15 2.40 9.82
N GLY B 92 -19.67 3.20 8.88
CA GLY B 92 -18.28 3.61 8.88
C GLY B 92 -17.86 4.07 7.50
N VAL B 93 -16.56 4.33 7.38
CA VAL B 93 -15.94 4.74 6.13
C VAL B 93 -15.16 3.57 5.56
N TYR B 94 -15.44 3.22 4.31
CA TYR B 94 -14.83 2.07 3.67
C TYR B 94 -13.87 2.53 2.58
N TYR B 95 -12.65 2.00 2.61
CA TYR B 95 -11.61 2.34 1.64
C TYR B 95 -11.28 1.14 0.78
N CYS B 96 -11.13 1.37 -0.52
CA CYS B 96 -10.46 0.42 -1.40
C CYS B 96 -9.00 0.84 -1.54
N ALA B 97 -8.11 -0.15 -1.62
CA ALA B 97 -6.70 0.19 -1.70
C ALA B 97 -5.91 -1.00 -2.24
N MET B 98 -4.85 -0.68 -2.99
CA MET B 98 -3.77 -1.62 -3.22
C MET B 98 -2.73 -1.35 -2.13
N VAL B 99 -2.97 -1.97 -0.97
CA VAL B 99 -2.27 -1.59 0.26
C VAL B 99 -0.76 -1.68 0.09
N ARG B 100 -0.28 -2.76 -0.52
CA ARG B 100 1.16 -2.93 -0.65
C ARG B 100 1.75 -2.10 -1.79
N ARG B 101 0.94 -1.34 -2.51
CA ARG B 101 1.44 -0.35 -3.46
C ARG B 101 1.35 1.08 -2.93
N GLY B 102 0.56 1.31 -1.87
CA GLY B 102 0.38 2.64 -1.32
C GLY B 102 -0.71 3.46 -1.97
N TYR B 103 -1.55 2.87 -2.82
CA TYR B 103 -2.62 3.59 -3.50
C TYR B 103 -3.93 3.35 -2.77
N TRP B 104 -4.54 4.43 -2.27
CA TRP B 104 -5.79 4.36 -1.52
C TRP B 104 -6.86 5.19 -2.19
N GLY B 105 -8.10 4.69 -2.14
CA GLY B 105 -9.24 5.49 -2.54
C GLY B 105 -9.57 6.54 -1.51
N GLN B 106 -10.46 7.46 -1.89
CA GLN B 106 -10.81 8.57 -1.01
C GLN B 106 -11.69 8.13 0.16
N GLY B 107 -12.30 6.96 0.07
CA GLY B 107 -13.17 6.48 1.12
C GLY B 107 -14.63 6.74 0.82
N THR B 108 -15.49 5.86 1.33
CA THR B 108 -16.93 5.96 1.15
C THR B 108 -17.58 5.84 2.52
N THR B 109 -18.39 6.84 2.88
CA THR B 109 -19.08 6.85 4.16
C THR B 109 -20.42 6.11 4.03
N LEU B 110 -20.63 5.12 4.89
CA LEU B 110 -21.86 4.34 4.92
C LEU B 110 -22.52 4.54 6.28
N THR B 111 -23.79 4.95 6.27
CA THR B 111 -24.55 5.14 7.49
C THR B 111 -25.74 4.20 7.47
N VAL B 112 -25.79 3.29 8.44
CA VAL B 112 -26.88 2.34 8.57
C VAL B 112 -27.73 2.75 9.77
N SER B 113 -28.96 3.15 9.51
CA SER B 113 -29.83 3.67 10.56
C SER B 113 -31.28 3.57 10.11
N ALA B 114 -32.16 3.35 11.08
CA ALA B 114 -33.60 3.34 10.84
C ALA B 114 -34.24 4.69 11.11
N ALA B 115 -33.45 5.70 11.51
CA ALA B 115 -33.99 6.99 11.89
C ALA B 115 -34.52 7.75 10.68
N LYS B 116 -35.63 8.47 10.87
CA LYS B 116 -36.26 9.20 9.78
C LYS B 116 -35.54 10.51 9.53
N THR B 117 -35.41 10.86 8.25
CA THR B 117 -34.81 12.14 7.87
C THR B 117 -35.69 13.29 8.35
N THR B 118 -35.09 14.22 9.09
CA THR B 118 -35.83 15.30 9.73
C THR B 118 -35.13 16.63 9.44
N PRO B 119 -35.88 17.67 9.06
CA PRO B 119 -35.24 18.97 8.83
C PRO B 119 -34.83 19.60 10.13
N PRO B 120 -33.80 20.45 10.12
CA PRO B 120 -33.37 21.12 11.34
C PRO B 120 -34.32 22.26 11.72
N SER B 121 -34.05 22.82 12.90
CA SER B 121 -34.64 24.08 13.33
C SER B 121 -33.51 25.00 13.74
N VAL B 122 -33.51 26.22 13.22
CA VAL B 122 -32.42 27.17 13.44
C VAL B 122 -32.90 28.25 14.41
N TYR B 123 -32.17 28.41 15.51
CA TYR B 123 -32.49 29.35 16.57
C TYR B 123 -31.34 30.33 16.78
N PRO B 124 -31.63 31.62 16.92
CA PRO B 124 -30.57 32.60 17.14
C PRO B 124 -29.98 32.48 18.55
N LEU B 125 -28.75 32.96 18.68
CA LEU B 125 -28.07 33.06 19.96
C LEU B 125 -27.47 34.45 20.08
N ALA B 126 -28.06 35.29 20.93
CA ALA B 126 -27.63 36.66 21.11
C ALA B 126 -27.42 36.94 22.60
N PRO B 127 -26.45 37.78 22.93
CA PRO B 127 -26.19 38.08 24.36
C PRO B 127 -27.34 38.83 24.99
N GLY B 128 -27.41 38.74 26.32
CA GLY B 128 -28.39 39.47 27.09
C GLY B 128 -27.99 40.84 27.57
N SER B 129 -26.71 41.18 27.47
CA SER B 129 -26.20 42.49 27.86
C SER B 129 -24.89 42.80 27.16
N THR B 133 -21.16 46.25 25.32
CA THR B 133 -20.28 46.28 26.48
C THR B 133 -18.81 46.27 26.07
N ASN B 134 -18.25 45.08 25.87
CA ASN B 134 -16.85 44.93 25.50
C ASN B 134 -16.65 45.25 24.01
N SER B 135 -15.38 45.28 23.60
CA SER B 135 -15.07 45.58 22.21
C SER B 135 -15.43 44.42 21.29
N MET B 136 -15.38 43.19 21.79
CA MET B 136 -15.73 42.01 21.01
C MET B 136 -17.03 41.41 21.53
N VAL B 137 -17.90 41.01 20.60
CA VAL B 137 -19.18 40.41 20.93
C VAL B 137 -19.30 39.09 20.19
N THR B 138 -19.62 38.02 20.91
CA THR B 138 -19.77 36.69 20.34
C THR B 138 -21.24 36.41 20.08
N LEU B 139 -21.56 36.01 18.85
CA LEU B 139 -22.90 35.60 18.45
C LEU B 139 -22.89 34.12 18.14
N GLY B 140 -24.05 33.59 17.78
CA GLY B 140 -24.15 32.19 17.43
C GLY B 140 -25.56 31.87 16.98
N CYS B 141 -25.71 30.65 16.46
CA CYS B 141 -27.04 30.13 16.17
C CYS B 141 -27.03 28.62 16.35
N LEU B 142 -28.17 28.09 16.78
CA LEU B 142 -28.32 26.70 17.19
C LEU B 142 -29.12 25.94 16.15
N VAL B 143 -28.57 24.81 15.69
CA VAL B 143 -29.19 23.99 14.65
C VAL B 143 -29.59 22.67 15.33
N LYS B 144 -30.87 22.52 15.63
CA LYS B 144 -31.34 21.48 16.55
C LYS B 144 -32.26 20.49 15.84
N GLY B 145 -32.12 19.21 16.18
CA GLY B 145 -33.04 18.17 15.78
C GLY B 145 -33.11 17.87 14.28
N TYR B 146 -31.99 17.45 13.69
CA TYR B 146 -31.96 17.09 12.29
C TYR B 146 -31.37 15.70 12.13
N PHE B 147 -31.55 15.14 10.93
CA PHE B 147 -31.02 13.83 10.59
C PHE B 147 -31.13 13.61 9.09
N PRO B 148 -30.08 13.06 8.46
CA PRO B 148 -28.79 12.72 9.07
C PRO B 148 -27.75 13.82 8.91
N GLU B 149 -26.50 13.52 9.27
CA GLU B 149 -25.38 14.41 8.96
C GLU B 149 -25.20 14.44 7.44
N PRO B 150 -24.60 15.53 6.92
CA PRO B 150 -24.14 16.72 7.62
C PRO B 150 -25.02 17.95 7.39
N VAL B 151 -24.77 19.00 8.17
CA VAL B 151 -25.26 20.33 7.88
C VAL B 151 -24.05 21.26 7.82
N THR B 152 -24.14 22.27 6.98
CA THR B 152 -23.10 23.29 6.87
C THR B 152 -23.70 24.63 7.28
N VAL B 153 -22.89 25.46 7.94
CA VAL B 153 -23.33 26.76 8.41
C VAL B 153 -22.30 27.81 8.00
N THR B 154 -22.75 28.85 7.31
CA THR B 154 -21.94 30.00 6.93
C THR B 154 -22.58 31.26 7.49
N TRP B 155 -21.85 32.37 7.39
CA TRP B 155 -22.29 33.63 7.99
C TRP B 155 -22.23 34.73 6.94
N ASN B 156 -23.37 35.37 6.69
CA ASN B 156 -23.53 36.38 5.64
C ASN B 156 -23.04 35.84 4.30
N SER B 157 -23.52 34.64 3.95
CA SER B 157 -23.18 33.95 2.71
C SER B 157 -21.68 33.69 2.57
N GLY B 158 -20.94 33.74 3.68
CA GLY B 158 -19.52 33.47 3.66
C GLY B 158 -18.62 34.68 3.86
N SER B 159 -19.15 35.83 4.25
CA SER B 159 -18.32 37.01 4.42
C SER B 159 -17.43 36.88 5.66
N LEU B 160 -17.99 36.42 6.76
CA LEU B 160 -17.26 36.32 8.03
C LEU B 160 -16.60 34.95 8.12
N SER B 161 -15.27 34.92 8.02
CA SER B 161 -14.52 33.68 8.13
C SER B 161 -13.46 33.73 9.24
N SER B 162 -13.15 34.92 9.76
CA SER B 162 -12.01 35.05 10.67
C SER B 162 -12.27 34.34 12.00
N GLY B 163 -13.43 34.59 12.62
CA GLY B 163 -13.70 34.03 13.92
C GLY B 163 -14.93 33.16 14.00
N VAL B 164 -14.96 32.08 13.23
CA VAL B 164 -16.10 31.18 13.16
C VAL B 164 -15.72 29.83 13.74
N HIS B 165 -16.57 29.29 14.61
CA HIS B 165 -16.45 27.93 15.10
C HIS B 165 -17.75 27.19 14.82
N THR B 166 -17.64 26.00 14.25
CA THR B 166 -18.80 25.12 14.05
C THR B 166 -18.53 23.85 14.81
N PHE B 167 -19.35 23.58 15.83
CA PHE B 167 -19.10 22.47 16.73
C PHE B 167 -19.65 21.17 16.14
N PRO B 168 -18.99 20.05 16.43
CA PRO B 168 -19.49 18.76 15.96
C PRO B 168 -20.89 18.47 16.51
N ALA B 169 -21.71 17.83 15.69
CA ALA B 169 -23.05 17.47 16.12
C ALA B 169 -22.99 16.40 17.20
N VAL B 170 -24.01 16.41 18.06
CA VAL B 170 -24.18 15.40 19.09
C VAL B 170 -25.51 14.70 18.85
N LEU B 171 -25.53 13.40 19.03
CA LEU B 171 -26.68 12.57 18.67
C LEU B 171 -27.46 12.23 19.95
N GLN B 172 -28.74 12.57 19.95
CA GLN B 172 -29.61 12.24 21.08
C GLN B 172 -31.00 11.96 20.55
N SER B 173 -31.48 10.73 20.76
CA SER B 173 -32.81 10.29 20.34
C SER B 173 -32.98 10.45 18.82
N ASP B 174 -32.07 9.82 18.08
CA ASP B 174 -32.10 9.74 16.62
C ASP B 174 -32.08 11.11 15.95
N LEU B 175 -31.61 12.14 16.65
CA LEU B 175 -31.55 13.48 16.09
C LEU B 175 -30.26 14.16 16.49
N TYR B 176 -29.64 14.86 15.54
CA TYR B 176 -28.43 15.61 15.80
C TYR B 176 -28.76 17.07 16.13
N THR B 177 -27.94 17.66 16.98
CA THR B 177 -27.99 19.09 17.27
C THR B 177 -26.58 19.65 17.16
N LEU B 178 -26.48 20.86 16.61
CA LEU B 178 -25.21 21.48 16.32
C LEU B 178 -25.32 22.96 16.65
N SER B 179 -24.16 23.58 16.95
CA SER B 179 -24.09 25.02 17.22
C SER B 179 -22.89 25.60 16.51
N SER B 180 -22.99 26.90 16.17
CA SER B 180 -21.92 27.63 15.52
C SER B 180 -21.84 29.02 16.12
N SER B 181 -20.62 29.56 16.22
CA SER B 181 -20.40 30.84 16.88
C SER B 181 -19.54 31.76 16.02
N VAL B 182 -19.84 33.06 16.08
CA VAL B 182 -19.04 34.09 15.44
C VAL B 182 -18.75 35.16 16.47
N THR B 183 -17.57 35.77 16.34
CA THR B 183 -17.17 36.89 17.19
C THR B 183 -16.85 38.07 16.29
N VAL B 184 -17.54 39.19 16.52
CA VAL B 184 -17.33 40.41 15.74
C VAL B 184 -17.13 41.57 16.71
N PRO B 185 -16.57 42.68 16.25
CA PRO B 185 -16.46 43.85 17.12
C PRO B 185 -17.82 44.47 17.40
N SER B 186 -17.94 45.08 18.57
CA SER B 186 -19.16 45.79 18.94
C SER B 186 -19.48 46.94 18.00
N SER B 187 -18.53 47.33 17.15
CA SER B 187 -18.79 48.39 16.18
C SER B 187 -19.72 47.92 15.08
N THR B 188 -19.50 46.69 14.57
CA THR B 188 -20.26 46.17 13.45
C THR B 188 -21.53 45.45 13.85
N TRP B 189 -21.78 45.27 15.15
CA TRP B 189 -23.03 44.64 15.58
C TRP B 189 -23.58 45.32 16.84
N PRO B 190 -24.88 45.65 16.82
CA PRO B 190 -25.81 45.36 15.72
C PRO B 190 -25.91 46.48 14.69
N SER B 191 -24.79 47.17 14.42
CA SER B 191 -24.79 48.20 13.40
C SER B 191 -24.84 47.63 12.00
N GLU B 192 -24.40 46.38 11.81
CA GLU B 192 -24.42 45.72 10.52
C GLU B 192 -25.09 44.35 10.67
N THR B 193 -25.54 43.81 9.54
CA THR B 193 -26.30 42.57 9.52
C THR B 193 -25.40 41.37 9.78
N VAL B 194 -25.86 40.45 10.62
CA VAL B 194 -25.21 39.17 10.86
C VAL B 194 -26.27 38.08 10.76
N THR B 195 -26.13 37.21 9.77
CA THR B 195 -27.09 36.13 9.51
C THR B 195 -26.32 34.82 9.35
N CYS B 196 -26.86 33.76 9.94
CA CYS B 196 -26.25 32.44 9.80
C CYS B 196 -27.03 31.64 8.77
N ASN B 197 -26.32 31.09 7.79
CA ASN B 197 -26.91 30.35 6.68
C ASN B 197 -26.70 28.87 6.94
N VAL B 198 -27.79 28.16 7.20
CA VAL B 198 -27.75 26.72 7.44
C VAL B 198 -28.21 26.00 6.18
N ALA B 199 -27.56 24.90 5.86
CA ALA B 199 -27.93 24.10 4.70
C ALA B 199 -27.91 22.63 5.11
N HIS B 200 -29.06 21.96 4.98
CA HIS B 200 -29.20 20.53 5.22
C HIS B 200 -29.54 19.87 3.90
N PRO B 201 -28.54 19.40 3.14
CA PRO B 201 -28.83 18.83 1.81
C PRO B 201 -29.72 17.59 1.87
N ALA B 202 -29.63 16.80 2.94
CA ALA B 202 -30.40 15.56 3.00
C ALA B 202 -31.90 15.82 3.01
N SER B 203 -32.33 16.93 3.60
CA SER B 203 -33.74 17.31 3.63
C SER B 203 -34.06 18.47 2.69
N SER B 204 -33.11 18.85 1.82
CA SER B 204 -33.31 19.92 0.85
C SER B 204 -33.74 21.22 1.52
N THR B 205 -33.08 21.55 2.63
CA THR B 205 -33.45 22.70 3.46
C THR B 205 -32.36 23.76 3.37
N LYS B 206 -32.76 24.98 2.99
CA LYS B 206 -31.88 26.15 3.01
C LYS B 206 -32.65 27.26 3.70
N VAL B 207 -32.19 27.65 4.89
CA VAL B 207 -32.91 28.61 5.73
C VAL B 207 -31.92 29.62 6.29
N ASP B 208 -32.35 30.87 6.41
CA ASP B 208 -31.54 31.95 6.96
C ASP B 208 -32.21 32.49 8.20
N LYS B 209 -31.41 32.74 9.24
CA LYS B 209 -31.89 33.32 10.49
C LYS B 209 -30.96 34.46 10.88
N LYS B 210 -31.52 35.67 10.96
CA LYS B 210 -30.76 36.84 11.36
C LYS B 210 -30.72 36.95 12.88
N ILE B 211 -29.59 37.40 13.40
CA ILE B 211 -29.39 37.54 14.84
C ILE B 211 -29.67 38.99 15.20
N VAL B 212 -30.81 39.22 15.86
CA VAL B 212 -31.17 40.56 16.31
C VAL B 212 -30.82 40.70 17.79
N PRO B 213 -30.40 41.88 18.25
CA PRO B 213 -30.06 42.04 19.66
C PRO B 213 -31.30 41.91 20.54
N ARG B 214 -31.07 41.50 21.78
CA ARG B 214 -32.17 41.32 22.72
C ARG B 214 -32.65 42.67 23.24
N ASP B 215 -33.84 42.65 23.85
CA ASP B 215 -34.53 43.86 24.30
C ASP B 215 -33.67 44.76 25.18
N ASP C 1 -5.26 -13.77 15.88
CA ASP C 1 -4.86 -12.54 15.22
C ASP C 1 -3.69 -11.89 15.94
N ILE C 2 -2.86 -11.16 15.20
CA ILE C 2 -1.73 -10.47 15.78
C ILE C 2 -2.21 -9.12 16.30
N GLN C 3 -2.00 -8.86 17.59
CA GLN C 3 -2.38 -7.60 18.20
C GLN C 3 -1.23 -6.61 18.08
N MET C 4 -1.50 -5.47 17.45
CA MET C 4 -0.55 -4.36 17.40
C MET C 4 -0.98 -3.33 18.44
N THR C 5 -0.15 -3.15 19.46
CA THR C 5 -0.38 -2.13 20.48
C THR C 5 0.49 -0.92 20.13
N GLN C 6 -0.15 0.23 19.97
CA GLN C 6 0.51 1.45 19.52
C GLN C 6 0.48 2.48 20.62
N SER C 7 1.61 3.17 20.81
CA SER C 7 1.72 4.21 21.83
C SER C 7 2.62 5.34 21.33
N PRO C 8 2.38 6.58 21.79
CA PRO C 8 1.23 6.94 22.63
C PRO C 8 -0.05 7.09 21.82
N SER C 9 -1.22 6.92 22.44
CA SER C 9 -2.46 7.04 21.70
C SER C 9 -2.73 8.50 21.31
N SER C 10 -2.27 9.45 22.13
CA SER C 10 -2.38 10.86 21.84
C SER C 10 -1.08 11.54 22.21
N LEU C 11 -0.67 12.52 21.41
CA LEU C 11 0.60 13.20 21.63
C LEU C 11 0.48 14.63 21.13
N SER C 12 1.05 15.55 21.90
CA SER C 12 1.09 16.95 21.52
C SER C 12 2.55 17.39 21.43
N ALA C 13 2.86 18.15 20.39
CA ALA C 13 4.21 18.66 20.18
C ALA C 13 4.14 19.92 19.34
N SER C 14 5.19 20.73 19.42
CA SER C 14 5.22 21.98 18.68
C SER C 14 5.92 21.79 17.33
N LEU C 15 5.83 22.84 16.49
CA LEU C 15 6.46 22.80 15.19
C LEU C 15 7.97 22.64 15.31
N GLY C 16 8.54 21.76 14.48
CA GLY C 16 9.97 21.54 14.48
C GLY C 16 10.47 20.58 15.54
N GLU C 17 9.58 19.99 16.34
CA GLU C 17 9.95 19.02 17.36
C GLU C 17 10.15 17.64 16.73
N ARG C 18 10.82 16.77 17.46
CA ARG C 18 10.98 15.37 17.07
C ARG C 18 10.08 14.49 17.93
N VAL C 19 9.28 13.65 17.27
CA VAL C 19 8.35 12.75 17.94
C VAL C 19 8.61 11.33 17.48
N SER C 20 8.32 10.38 18.35
CA SER C 20 8.60 8.98 18.10
C SER C 20 7.42 8.15 18.57
N LEU C 21 6.76 7.47 17.64
CA LEU C 21 5.64 6.59 17.95
C LEU C 21 6.13 5.14 17.93
N THR C 22 5.68 4.35 18.90
CA THR C 22 6.11 2.98 19.03
C THR C 22 4.95 2.03 18.76
N CYS C 23 5.24 0.94 18.06
CA CYS C 23 4.26 -0.10 17.76
C CYS C 23 4.88 -1.43 18.18
N ARG C 24 4.18 -2.17 19.02
CA ARG C 24 4.66 -3.46 19.52
C ARG C 24 3.77 -4.58 19.00
N ALA C 25 4.38 -5.65 18.51
CA ALA C 25 3.65 -6.78 17.97
C ALA C 25 3.54 -7.89 19.02
N SER C 26 2.37 -8.53 19.07
CA SER C 26 2.15 -9.60 20.04
C SER C 26 2.93 -10.86 19.71
N GLN C 27 3.38 -11.00 18.46
CA GLN C 27 4.26 -12.07 18.08
C GLN C 27 5.19 -11.57 16.97
N GLU C 28 6.06 -12.45 16.50
CA GLU C 28 7.03 -12.08 15.46
C GLU C 28 6.31 -11.72 14.17
N ILE C 29 6.64 -10.55 13.61
CA ILE C 29 6.13 -10.14 12.31
C ILE C 29 7.24 -9.95 11.29
N SER C 30 8.50 -10.16 11.67
CA SER C 30 9.63 -10.27 10.73
C SER C 30 9.81 -9.00 9.91
N GLY C 31 9.56 -7.85 10.53
CA GLY C 31 9.78 -6.57 9.88
C GLY C 31 8.71 -6.15 8.89
N TYR C 32 7.64 -6.92 8.71
CA TYR C 32 6.59 -6.57 7.76
C TYR C 32 5.62 -5.61 8.44
N LEU C 33 6.09 -4.38 8.63
CA LEU C 33 5.34 -3.35 9.32
C LEU C 33 5.31 -2.09 8.46
N SER C 34 4.13 -1.47 8.39
CA SER C 34 3.94 -0.25 7.63
C SER C 34 3.38 0.83 8.55
N TRP C 35 3.72 2.08 8.24
CA TRP C 35 3.15 3.25 8.90
C TRP C 35 2.31 4.03 7.90
N LEU C 36 1.10 4.38 8.30
CA LEU C 36 0.16 5.12 7.46
C LEU C 36 -0.23 6.42 8.15
N GLN C 37 -0.52 7.43 7.33
CA GLN C 37 -0.97 8.73 7.81
C GLN C 37 -2.40 8.95 7.32
N ARG C 38 -3.28 9.30 8.24
CA ARG C 38 -4.68 9.60 7.92
C ARG C 38 -4.87 11.09 8.14
N LYS C 39 -4.98 11.85 7.04
CA LYS C 39 -5.12 13.29 7.13
C LYS C 39 -6.55 13.66 7.55
N PRO C 40 -6.75 14.89 8.03
CA PRO C 40 -8.11 15.30 8.42
C PRO C 40 -9.15 15.18 7.32
N ASP C 41 -8.76 15.31 6.05
CA ASP C 41 -9.71 15.19 4.95
C ASP C 41 -10.04 13.73 4.61
N GLY C 42 -9.64 12.78 5.45
CA GLY C 42 -9.94 11.38 5.24
C GLY C 42 -8.98 10.64 4.34
N THR C 43 -8.12 11.34 3.60
CA THR C 43 -7.19 10.67 2.71
C THR C 43 -6.13 9.93 3.52
N ILE C 44 -5.72 8.77 3.01
CA ILE C 44 -4.76 7.91 3.70
C ILE C 44 -3.52 7.77 2.83
N LYS C 45 -2.36 7.96 3.43
CA LYS C 45 -1.07 7.91 2.74
C LYS C 45 -0.15 6.92 3.45
N ARG C 46 0.57 6.13 2.67
CA ARG C 46 1.58 5.24 3.23
C ARG C 46 2.88 6.01 3.41
N LEU C 47 3.47 5.93 4.60
CA LEU C 47 4.73 6.60 4.90
C LEU C 47 5.93 5.65 4.82
N ILE C 48 5.87 4.55 5.56
CA ILE C 48 6.98 3.61 5.71
C ILE C 48 6.45 2.21 5.44
N TYR C 49 7.28 1.39 4.81
CA TYR C 49 7.01 -0.05 4.70
C TYR C 49 8.29 -0.82 5.01
N THR C 50 8.14 -2.12 5.25
CA THR C 50 9.20 -3.03 5.68
C THR C 50 10.03 -2.39 6.82
N ALA C 51 9.32 -1.65 7.69
CA ALA C 51 9.77 -1.11 8.97
C ALA C 51 10.58 0.17 8.85
N SER C 52 11.56 0.22 7.93
CA SER C 52 12.45 1.36 7.87
C SER C 52 12.60 1.98 6.47
N THR C 53 11.86 1.50 5.47
CA THR C 53 11.96 2.05 4.13
C THR C 53 10.91 3.14 3.94
N VAL C 54 11.37 4.33 3.56
CA VAL C 54 10.49 5.47 3.38
C VAL C 54 9.93 5.43 1.96
N ASP C 55 8.60 5.53 1.85
CA ASP C 55 7.96 5.52 0.55
C ASP C 55 8.37 6.74 -0.26
N SER C 56 8.36 6.60 -1.59
CA SER C 56 8.70 7.72 -2.44
C SER C 56 7.67 8.84 -2.30
N GLY C 57 8.15 10.08 -2.42
CA GLY C 57 7.31 11.23 -2.23
C GLY C 57 7.07 11.62 -0.78
N VAL C 58 7.52 10.80 0.17
CA VAL C 58 7.43 11.12 1.59
C VAL C 58 8.66 11.94 1.97
N PRO C 59 8.50 13.04 2.72
CA PRO C 59 9.67 13.86 3.07
C PRO C 59 10.68 13.07 3.88
N ASN C 60 11.95 13.46 3.77
CA ASN C 60 13.03 12.77 4.45
C ASN C 60 13.01 12.96 5.96
N ARG C 61 12.10 13.79 6.50
CA ARG C 61 11.98 13.91 7.95
C ARG C 61 11.28 12.73 8.59
N PHE C 62 10.74 11.81 7.79
CA PHE C 62 10.13 10.59 8.29
C PHE C 62 11.15 9.46 8.24
N SER C 63 11.14 8.62 9.27
CA SER C 63 12.01 7.45 9.29
C SER C 63 11.41 6.40 10.21
N GLY C 64 11.87 5.16 10.03
CA GLY C 64 11.42 4.06 10.86
C GLY C 64 12.60 3.22 11.29
N SER C 65 12.39 2.47 12.37
CA SER C 65 13.45 1.62 12.90
C SER C 65 12.82 0.48 13.69
N ARG C 66 13.67 -0.50 14.02
CA ARG C 66 13.23 -1.69 14.73
C ARG C 66 14.28 -2.10 15.75
N SER C 67 13.82 -2.50 16.93
CA SER C 67 14.68 -3.10 17.94
C SER C 67 13.89 -4.24 18.59
N GLY C 68 14.06 -5.45 18.06
CA GLY C 68 13.36 -6.61 18.57
C GLY C 68 11.89 -6.62 18.18
N SER C 69 11.01 -6.64 19.18
CA SER C 69 9.58 -6.62 18.92
C SER C 69 9.04 -5.21 18.74
N ASP C 70 9.82 -4.19 19.04
CA ASP C 70 9.38 -2.80 18.97
C ASP C 70 9.73 -2.19 17.61
N TYR C 71 8.75 -1.56 16.99
CA TYR C 71 8.93 -0.81 15.75
C TYR C 71 8.53 0.63 16.00
N SER C 72 9.30 1.57 15.47
CA SER C 72 9.03 2.97 15.75
C SER C 72 9.03 3.78 14.46
N LEU C 73 8.18 4.80 14.44
CA LEU C 73 8.17 5.83 13.42
C LEU C 73 8.66 7.13 14.05
N THR C 74 9.59 7.81 13.39
CA THR C 74 10.15 9.04 13.92
C THR C 74 9.99 10.16 12.89
N ILE C 75 9.51 11.31 13.36
CA ILE C 75 9.48 12.54 12.57
C ILE C 75 10.48 13.49 13.20
N SER C 76 11.57 13.77 12.48
CA SER C 76 12.66 14.54 13.06
C SER C 76 12.25 15.98 13.33
N SER C 77 11.68 16.65 12.34
CA SER C 77 11.25 18.04 12.47
C SER C 77 9.80 18.15 12.07
N LEU C 78 8.95 18.51 13.01
CA LEU C 78 7.51 18.53 12.77
C LEU C 78 7.11 19.75 11.96
N GLU C 79 6.35 19.53 10.91
CA GLU C 79 5.79 20.59 10.09
C GLU C 79 4.28 20.61 10.25
N SER C 80 3.66 21.72 9.80
CA SER C 80 2.22 21.87 9.92
C SER C 80 1.47 20.77 9.20
N GLU C 81 2.05 20.22 8.14
CA GLU C 81 1.40 19.16 7.38
C GLU C 81 1.32 17.87 8.16
N ASP C 82 2.23 17.65 9.11
CA ASP C 82 2.42 16.34 9.74
C ASP C 82 1.46 16.07 10.89
N PHE C 83 0.53 16.98 11.19
CA PHE C 83 -0.35 16.80 12.34
C PHE C 83 -1.64 16.14 11.87
N ALA C 84 -1.78 14.85 12.16
CA ALA C 84 -2.92 14.05 11.74
C ALA C 84 -2.92 12.76 12.56
N ASP C 85 -3.53 11.71 12.04
CA ASP C 85 -3.57 10.43 12.70
C ASP C 85 -2.58 9.46 12.05
N TYR C 86 -1.98 8.60 12.86
CA TYR C 86 -0.98 7.66 12.39
C TYR C 86 -1.31 6.25 12.87
N TYR C 87 -1.13 5.28 11.98
CA TYR C 87 -1.43 3.88 12.26
C TYR C 87 -0.27 3.02 11.81
N CYS C 88 0.10 2.03 12.63
CA CYS C 88 0.95 0.97 12.13
C CYS C 88 0.09 -0.16 11.59
N LEU C 89 0.68 -0.96 10.71
CA LEU C 89 -0.01 -2.05 10.05
C LEU C 89 0.98 -3.19 9.86
N GLN C 90 0.72 -4.33 10.50
CA GLN C 90 1.47 -5.53 10.21
C GLN C 90 0.83 -6.23 9.04
N TYR C 91 1.64 -6.61 8.06
CA TYR C 91 1.18 -7.36 6.89
C TYR C 91 1.98 -8.65 6.76
N ASP C 92 2.27 -9.27 7.90
CA ASP C 92 3.01 -10.53 7.94
C ASP C 92 2.09 -11.73 7.92
N THR C 93 1.01 -11.70 8.71
CA THR C 93 0.13 -12.83 8.89
C THR C 93 -1.32 -12.37 8.73
N TYR C 94 -2.11 -13.17 8.02
CA TYR C 94 -3.54 -12.88 7.88
C TYR C 94 -4.28 -13.27 9.15
N PRO C 95 -5.27 -12.43 9.55
CA PRO C 95 -5.61 -11.18 8.90
C PRO C 95 -4.67 -10.04 9.27
N TRP C 96 -4.39 -9.15 8.32
CA TRP C 96 -3.59 -7.97 8.63
C TRP C 96 -4.28 -7.15 9.70
N THR C 97 -3.49 -6.56 10.61
CA THR C 97 -4.05 -5.82 11.74
C THR C 97 -3.33 -4.48 11.91
N PHE C 98 -4.09 -3.47 12.31
CA PHE C 98 -3.61 -2.12 12.55
C PHE C 98 -3.34 -1.90 14.03
N GLY C 99 -2.50 -0.89 14.30
CA GLY C 99 -2.42 -0.37 15.65
C GLY C 99 -3.63 0.50 15.97
N GLY C 100 -3.79 0.78 17.26
CA GLY C 100 -4.92 1.59 17.70
C GLY C 100 -4.89 3.02 17.18
N GLY C 101 -3.75 3.49 16.72
CA GLY C 101 -3.66 4.82 16.16
C GLY C 101 -3.07 5.82 17.13
N THR C 102 -2.45 6.87 16.59
CA THR C 102 -1.93 7.99 17.35
C THR C 102 -2.45 9.28 16.75
N LYS C 103 -3.07 10.12 17.57
CA LYS C 103 -3.48 11.45 17.15
C LYS C 103 -2.43 12.45 17.61
N LEU C 104 -1.80 13.12 16.64
CA LEU C 104 -0.74 14.08 16.89
C LEU C 104 -1.29 15.50 16.72
N GLU C 105 -1.18 16.31 17.76
CA GLU C 105 -1.69 17.67 17.78
C GLU C 105 -0.57 18.65 18.10
N ILE C 106 -0.85 19.93 17.90
CA ILE C 106 0.16 20.98 18.00
C ILE C 106 0.19 21.55 19.41
N LYS C 107 1.39 21.88 19.89
CA LYS C 107 1.62 22.43 21.22
C LYS C 107 1.85 23.93 21.12
N ARG C 108 1.12 24.71 21.91
CA ARG C 108 1.24 26.17 21.92
C ARG C 108 1.12 26.68 23.35
N ALA C 109 1.22 28.00 23.50
CA ALA C 109 1.14 28.60 24.82
C ALA C 109 -0.30 28.58 25.35
N ASP C 110 -0.42 28.60 26.67
CA ASP C 110 -1.74 28.55 27.30
C ASP C 110 -2.56 29.76 26.87
N ALA C 111 -3.87 29.54 26.70
CA ALA C 111 -4.81 30.60 26.38
C ALA C 111 -6.09 30.37 27.17
N ALA C 112 -6.57 31.42 27.83
CA ALA C 112 -7.79 31.33 28.61
C ALA C 112 -9.01 31.27 27.70
N PRO C 113 -10.07 30.57 28.12
CA PRO C 113 -11.28 30.50 27.30
C PRO C 113 -12.09 31.79 27.36
N THR C 114 -12.65 32.16 26.22
CA THR C 114 -13.66 33.21 26.13
C THR C 114 -15.02 32.57 26.33
N VAL C 115 -15.69 32.92 27.43
CA VAL C 115 -16.93 32.28 27.83
C VAL C 115 -18.09 33.23 27.56
N SER C 116 -19.08 32.74 26.82
CA SER C 116 -20.30 33.48 26.54
C SER C 116 -21.49 32.59 26.86
N ILE C 117 -22.52 33.18 27.47
CA ILE C 117 -23.75 32.48 27.81
C ILE C 117 -24.90 33.14 27.08
N PHE C 118 -25.81 32.32 26.55
CA PHE C 118 -26.92 32.80 25.74
C PHE C 118 -28.23 32.25 26.30
N PRO C 119 -29.19 33.11 26.58
CA PRO C 119 -30.51 32.63 27.00
C PRO C 119 -31.20 31.90 25.87
N PRO C 120 -32.22 31.09 26.17
CA PRO C 120 -33.01 30.48 25.10
C PRO C 120 -33.68 31.54 24.25
N SER C 121 -33.77 31.27 22.95
CA SER C 121 -34.43 32.19 22.04
C SER C 121 -35.94 32.03 22.15
N SER C 122 -36.66 33.14 21.93
CA SER C 122 -38.12 33.07 21.94
C SER C 122 -38.64 32.24 20.79
N GLU C 123 -37.88 32.12 19.69
CA GLU C 123 -38.22 31.18 18.63
C GLU C 123 -38.36 29.76 19.19
N GLN C 124 -37.37 29.32 19.96
CA GLN C 124 -37.41 27.97 20.52
C GLN C 124 -38.44 27.86 21.64
N LEU C 125 -38.61 28.91 22.43
CA LEU C 125 -39.51 28.84 23.59
C LEU C 125 -40.94 28.59 23.16
N THR C 126 -41.38 29.20 22.05
CA THR C 126 -42.75 29.03 21.59
C THR C 126 -43.03 27.61 21.09
N SER C 127 -42.01 26.76 20.96
CA SER C 127 -42.19 25.37 20.58
C SER C 127 -41.93 24.42 21.75
N GLY C 128 -41.97 24.92 22.99
CA GLY C 128 -41.88 24.07 24.16
C GLY C 128 -40.48 23.82 24.68
N GLY C 129 -39.45 23.96 23.84
CA GLY C 129 -38.10 23.72 24.27
C GLY C 129 -37.42 24.95 24.82
N ALA C 130 -36.31 24.72 25.54
CA ALA C 130 -35.54 25.81 26.15
C ALA C 130 -34.09 25.35 26.26
N SER C 131 -33.25 25.79 25.32
CA SER C 131 -31.84 25.44 25.32
C SER C 131 -31.01 26.65 25.75
N VAL C 132 -30.25 26.49 26.83
CA VAL C 132 -29.29 27.48 27.28
C VAL C 132 -27.92 27.03 26.78
N VAL C 133 -27.26 27.89 26.01
CA VAL C 133 -26.00 27.57 25.35
C VAL C 133 -24.88 28.39 25.99
N CYS C 134 -23.73 27.74 26.16
CA CYS C 134 -22.55 28.36 26.76
C CYS C 134 -21.36 28.03 25.86
N PHE C 135 -20.72 29.07 25.31
CA PHE C 135 -19.58 28.89 24.42
C PHE C 135 -18.30 29.13 25.20
N LEU C 136 -17.37 28.18 25.12
CA LEU C 136 -16.05 28.28 25.72
C LEU C 136 -15.05 28.22 24.56
N ASN C 137 -14.57 29.38 24.12
CA ASN C 137 -13.92 29.53 22.83
C ASN C 137 -12.43 29.79 22.96
N ASN C 138 -11.65 29.10 22.11
CA ASN C 138 -10.25 29.43 21.82
C ASN C 138 -9.39 29.36 23.09
N PHE C 139 -9.34 28.17 23.67
CA PHE C 139 -8.52 27.93 24.85
C PHE C 139 -7.48 26.84 24.57
N TYR C 140 -6.49 26.78 25.44
CA TYR C 140 -5.44 25.77 25.40
C TYR C 140 -4.81 25.66 26.78
N PRO C 141 -4.59 24.42 27.29
CA PRO C 141 -4.78 23.10 26.67
C PRO C 141 -6.24 22.70 26.48
N LYS C 142 -6.45 21.50 25.91
CA LYS C 142 -7.78 21.08 25.47
C LYS C 142 -8.70 20.74 26.64
N ASP C 143 -8.16 20.43 27.81
CA ASP C 143 -8.98 20.00 28.92
C ASP C 143 -9.58 21.19 29.65
N ILE C 144 -10.86 21.07 30.00
CA ILE C 144 -11.60 22.16 30.62
C ILE C 144 -12.88 21.57 31.21
N ASN C 145 -13.39 22.24 32.25
CA ASN C 145 -14.59 21.79 32.95
C ASN C 145 -15.64 22.90 32.92
N VAL C 146 -16.83 22.56 32.48
CA VAL C 146 -17.97 23.46 32.52
C VAL C 146 -18.96 22.91 33.54
N LYS C 147 -19.61 23.80 34.27
CA LYS C 147 -20.58 23.43 35.30
C LYS C 147 -21.76 24.37 35.21
N TRP C 148 -22.97 23.83 35.25
CA TRP C 148 -24.18 24.62 35.19
C TRP C 148 -24.77 24.82 36.57
N LYS C 149 -25.24 26.04 36.84
CA LYS C 149 -25.91 26.36 38.09
C LYS C 149 -27.24 27.04 37.77
N ILE C 150 -28.32 26.50 38.35
CA ILE C 150 -29.66 27.06 38.20
C ILE C 150 -30.11 27.49 39.58
N ASP C 151 -30.25 28.81 39.77
CA ASP C 151 -30.55 29.39 41.08
C ASP C 151 -29.52 28.97 42.14
N GLY C 152 -28.25 28.94 41.74
CA GLY C 152 -27.16 28.58 42.63
C GLY C 152 -26.98 27.10 42.86
N SER C 153 -27.79 26.25 42.25
CA SER C 153 -27.71 24.80 42.44
C SER C 153 -27.20 24.15 41.16
N GLU C 154 -26.25 23.21 41.32
CA GLU C 154 -25.62 22.59 40.16
C GLU C 154 -26.60 21.64 39.47
N ARG C 155 -26.66 21.73 38.14
CA ARG C 155 -27.51 20.89 37.32
C ARG C 155 -26.65 20.11 36.33
N GLN C 156 -26.90 18.80 36.24
CA GLN C 156 -26.17 17.94 35.32
C GLN C 156 -27.06 17.26 34.29
N ASN C 157 -28.31 16.93 34.64
CA ASN C 157 -29.21 16.27 33.70
C ASN C 157 -29.59 17.22 32.57
N GLY C 158 -29.48 16.75 31.33
CA GLY C 158 -29.84 17.54 30.18
C GLY C 158 -28.75 18.39 29.58
N VAL C 159 -27.50 18.20 30.01
CA VAL C 159 -26.37 18.96 29.50
C VAL C 159 -25.69 18.15 28.40
N LEU C 160 -25.46 18.77 27.26
CA LEU C 160 -24.75 18.15 26.14
C LEU C 160 -23.57 19.03 25.75
N ASN C 161 -22.42 18.40 25.53
CA ASN C 161 -21.18 19.10 25.23
C ASN C 161 -20.64 18.65 23.89
N SER C 162 -19.99 19.59 23.20
CA SER C 162 -19.37 19.35 21.91
C SER C 162 -18.02 20.04 21.89
N TRP C 163 -17.02 19.36 21.33
CA TRP C 163 -15.65 19.84 21.34
C TRP C 163 -15.15 19.91 19.90
N THR C 164 -14.71 21.09 19.48
CA THR C 164 -14.09 21.20 18.17
C THR C 164 -12.75 20.50 18.15
N ASP C 165 -12.34 20.06 16.96
CA ASP C 165 -10.95 19.68 16.76
C ASP C 165 -10.07 20.92 16.88
N GLN C 166 -8.75 20.69 16.93
CA GLN C 166 -7.83 21.81 17.06
C GLN C 166 -7.95 22.73 15.85
N ASP C 167 -8.04 24.03 16.10
CA ASP C 167 -8.22 24.99 15.02
C ASP C 167 -6.96 25.06 14.17
N SER C 168 -7.15 25.09 12.86
CA SER C 168 -6.01 25.06 11.93
C SER C 168 -5.21 26.36 11.95
N LYS C 169 -5.83 27.48 12.35
CA LYS C 169 -5.12 28.77 12.37
C LYS C 169 -4.40 28.99 13.70
N ASP C 170 -5.17 29.14 14.79
CA ASP C 170 -4.61 29.52 16.07
C ASP C 170 -4.25 28.32 16.95
N SER C 171 -4.56 27.10 16.52
CA SER C 171 -4.20 25.87 17.24
C SER C 171 -4.84 25.81 18.62
N THR C 172 -5.99 26.47 18.80
CA THR C 172 -6.71 26.41 20.07
C THR C 172 -7.84 25.39 19.97
N TYR C 173 -8.58 25.27 21.06
CA TYR C 173 -9.76 24.41 21.14
C TYR C 173 -10.96 25.23 21.57
N SER C 174 -12.14 24.70 21.30
CA SER C 174 -13.39 25.33 21.72
C SER C 174 -14.38 24.25 22.13
N MET C 175 -15.31 24.62 23.01
CA MET C 175 -16.32 23.69 23.49
C MET C 175 -17.64 24.42 23.65
N SER C 176 -18.73 23.75 23.31
CA SER C 176 -20.07 24.28 23.46
C SER C 176 -20.84 23.41 24.45
N SER C 177 -21.50 24.04 25.41
CA SER C 177 -22.30 23.35 26.42
C SER C 177 -23.75 23.82 26.27
N THR C 178 -24.67 22.88 26.08
CA THR C 178 -26.08 23.18 25.84
C THR C 178 -26.92 22.50 26.91
N LEU C 179 -27.53 23.30 27.78
CA LEU C 179 -28.46 22.81 28.79
C LEU C 179 -29.87 22.93 28.22
N THR C 180 -30.50 21.79 27.94
CA THR C 180 -31.82 21.77 27.30
C THR C 180 -32.88 21.37 28.31
N LEU C 181 -33.80 22.28 28.56
CA LEU C 181 -34.95 22.08 29.44
C LEU C 181 -36.22 22.31 28.62
N THR C 182 -37.35 21.88 29.18
CA THR C 182 -38.61 22.30 28.60
C THR C 182 -38.88 23.76 28.95
N LYS C 183 -39.76 24.39 28.17
CA LYS C 183 -40.11 25.78 28.45
C LYS C 183 -40.64 25.94 29.87
N ASP C 184 -41.48 24.99 30.31
CA ASP C 184 -42.12 25.12 31.61
C ASP C 184 -41.10 25.11 32.76
N GLU C 185 -40.18 24.14 32.74
CA GLU C 185 -39.19 24.07 33.81
C GLU C 185 -38.18 25.20 33.72
N TYR C 186 -37.95 25.73 32.52
CA TYR C 186 -37.08 26.89 32.38
C TYR C 186 -37.69 28.13 33.01
N GLU C 187 -39.03 28.27 32.94
CA GLU C 187 -39.70 29.42 33.51
C GLU C 187 -39.76 29.37 35.03
N ARG C 188 -39.62 28.18 35.63
CA ARG C 188 -39.72 28.04 37.08
C ARG C 188 -38.46 28.48 37.82
N HIS C 189 -37.44 28.95 37.11
CA HIS C 189 -36.19 29.39 37.72
C HIS C 189 -35.76 30.70 37.10
N ASN C 190 -34.86 31.39 37.78
CA ASN C 190 -34.47 32.75 37.39
C ASN C 190 -33.01 32.84 36.95
N SER C 191 -32.07 32.42 37.80
CA SER C 191 -30.65 32.61 37.52
C SER C 191 -30.06 31.41 36.80
N TYR C 192 -29.30 31.67 35.74
CA TYR C 192 -28.64 30.63 34.96
C TYR C 192 -27.18 30.98 34.79
N THR C 193 -26.29 30.04 35.14
CA THR C 193 -24.86 30.28 35.18
C THR C 193 -24.11 29.06 34.65
N CYS C 194 -23.11 29.31 33.80
CA CYS C 194 -22.13 28.29 33.45
C CYS C 194 -20.75 28.78 33.88
N GLU C 195 -20.03 27.94 34.61
CA GLU C 195 -18.70 28.26 35.11
C GLU C 195 -17.68 27.40 34.39
N ALA C 196 -16.60 28.02 33.92
CA ALA C 196 -15.54 27.32 33.21
C ALA C 196 -14.29 27.30 34.08
N THR C 197 -13.83 26.10 34.42
CA THR C 197 -12.59 25.91 35.17
C THR C 197 -11.51 25.42 34.22
N HIS C 198 -10.36 26.10 34.24
CA HIS C 198 -9.32 25.84 33.26
C HIS C 198 -7.95 26.04 33.91
N LYS C 199 -6.93 25.48 33.26
CA LYS C 199 -5.55 25.57 33.75
C LYS C 199 -5.09 27.02 33.89
N THR C 200 -5.60 27.92 33.04
CA THR C 200 -5.10 29.28 32.96
C THR C 200 -5.57 30.18 34.11
N SER C 201 -6.39 29.67 35.04
CA SER C 201 -6.91 30.52 36.10
C SER C 201 -7.15 29.69 37.34
N THR C 202 -6.75 30.26 38.50
CA THR C 202 -7.03 29.61 39.77
C THR C 202 -8.53 29.55 40.05
N SER C 203 -9.29 30.57 39.63
CA SER C 203 -10.71 30.69 39.86
C SER C 203 -11.49 30.57 38.55
N PRO C 204 -12.68 29.98 38.58
CA PRO C 204 -13.41 29.73 37.33
C PRO C 204 -14.01 31.00 36.73
N ILE C 205 -14.12 30.98 35.41
CA ILE C 205 -14.74 32.08 34.68
C ILE C 205 -16.25 31.91 34.73
N VAL C 206 -16.94 32.87 35.36
CA VAL C 206 -18.37 32.78 35.61
C VAL C 206 -19.09 33.76 34.70
N LYS C 207 -19.94 33.23 33.82
CA LYS C 207 -20.86 34.03 33.02
C LYS C 207 -22.27 33.60 33.35
N SER C 208 -23.17 34.58 33.44
CA SER C 208 -24.52 34.29 33.91
C SER C 208 -25.49 35.31 33.33
N PHE C 209 -26.77 35.03 33.52
CA PHE C 209 -27.83 35.95 33.18
C PHE C 209 -29.03 35.66 34.08
N ASN C 210 -29.92 36.63 34.17
CA ASN C 210 -31.19 36.49 34.88
C ASN C 210 -32.33 36.64 33.89
N ARG C 211 -33.35 35.79 34.04
CA ARG C 211 -34.49 35.77 33.13
C ARG C 211 -35.50 36.86 33.54
N ASN C 212 -35.06 38.12 33.37
CA ASN C 212 -35.92 39.28 33.58
C ASN C 212 -35.28 40.56 33.06
#